data_5D5Q
#
_entry.id   5D5Q
#
_cell.length_a   64.910
_cell.length_b   76.500
_cell.length_c   65.100
_cell.angle_alpha   90.000
_cell.angle_beta   106.770
_cell.angle_gamma   90.000
#
_symmetry.space_group_name_H-M   'P 1 21 1'
#
loop_
_entity.id
_entity.type
_entity.pdbx_description
1 polymer 'Uncharacterized protein MJ0488, Guanylyltransferase'
2 non-polymer '(4,6-dihydroxy-3,5-dimethylpyridin-2-yl)acetic acid'
3 water water
#
_entity_poly.entity_id   1
_entity_poly.type   'polypeptide(L)'
_entity_poly.pdbx_seq_one_letter_code
;MVVMEEIIKKAFIESINNIRRGDKEEELKKIQEKIVNAKKIVVATNNQKKFKVIRDIMLRVCNAEIKMLDIDTRFADLTR
MPALTKGLIALDIEKADLYIARGRLGAPGSGSMLVILDEKGRVLTASLSPSSVIHKEDIEERIKKELIEALSRIGISILE
HHHHHH
;
_entity_poly.pdbx_strand_id   A,B,C,D
#
loop_
_chem_comp.id
_chem_comp.type
_chem_comp.name
_chem_comp.formula
57O non-polymer '(4,6-dihydroxy-3,5-dimethylpyridin-2-yl)acetic acid' 'C9 H11 N O4'
#
# COMPACT_ATOMS: atom_id res chain seq x y z
N VAL A 3 20.02 13.75 -5.89
CA VAL A 3 21.08 12.78 -5.68
C VAL A 3 20.63 11.60 -4.81
N MET A 4 19.57 11.80 -4.01
CA MET A 4 19.00 10.73 -3.19
C MET A 4 18.61 9.55 -4.08
N GLU A 5 18.10 9.91 -5.25
CA GLU A 5 17.67 8.94 -6.24
C GLU A 5 18.85 8.07 -6.63
N GLU A 6 20.01 8.70 -6.75
CA GLU A 6 21.27 8.02 -7.05
C GLU A 6 21.72 7.05 -5.95
N ILE A 7 21.72 7.50 -4.70
CA ILE A 7 22.13 6.64 -3.58
C ILE A 7 21.21 5.43 -3.46
N ILE A 8 19.90 5.70 -3.49
CA ILE A 8 18.91 4.63 -3.40
C ILE A 8 19.07 3.69 -4.59
N LYS A 9 19.38 4.24 -5.76
CA LYS A 9 19.64 3.43 -6.94
C LYS A 9 20.81 2.49 -6.70
N LYS A 10 21.89 3.00 -6.10
CA LYS A 10 23.02 2.15 -5.76
C LYS A 10 22.60 1.01 -4.84
N ALA A 11 21.84 1.35 -3.80
CA ALA A 11 21.35 0.36 -2.86
C ALA A 11 20.54 -0.73 -3.56
N PHE A 12 19.64 -0.32 -4.43
CA PHE A 12 18.77 -1.23 -5.17
C PHE A 12 19.58 -2.13 -6.10
N ILE A 13 20.61 -1.56 -6.73
CA ILE A 13 21.51 -2.33 -7.58
C ILE A 13 22.18 -3.42 -6.75
N GLU A 14 22.65 -3.04 -5.56
CA GLU A 14 23.24 -4.00 -4.64
C GLU A 14 22.27 -5.10 -4.24
N SER A 15 21.01 -4.75 -4.03
CA SER A 15 20.00 -5.75 -3.68
C SER A 15 19.74 -6.71 -4.84
N ILE A 16 19.70 -6.17 -6.06
CA ILE A 16 19.49 -6.96 -7.26
C ILE A 16 20.60 -7.99 -7.46
N ASN A 17 21.84 -7.55 -7.25
CA ASN A 17 23.00 -8.42 -7.44
C ASN A 17 23.26 -9.30 -6.23
N ASN A 18 22.36 -9.22 -5.24
CA ASN A 18 22.42 -10.02 -4.02
C ASN A 18 23.72 -9.79 -3.24
N ILE A 19 24.17 -8.54 -3.20
CA ILE A 19 25.38 -8.19 -2.45
C ILE A 19 25.11 -7.14 -1.37
N ARG A 20 23.83 -6.84 -1.13
CA ARG A 20 23.43 -5.86 -0.14
C ARG A 20 23.48 -6.35 1.31
N ARG A 21 24.19 -5.62 2.18
CA ARG A 21 24.17 -5.92 3.61
C ARG A 21 23.69 -4.70 4.39
N GLY A 22 22.39 -4.62 4.62
CA GLY A 22 21.83 -3.53 5.39
C GLY A 22 22.14 -2.13 4.91
N ASP A 23 21.85 -1.16 5.77
CA ASP A 23 22.05 0.25 5.50
C ASP A 23 23.51 0.66 5.31
N LYS A 24 23.70 1.69 4.49
CA LYS A 24 25.03 2.25 4.27
C LYS A 24 25.08 3.64 4.89
N GLU A 25 26.30 4.03 5.29
CA GLU A 25 26.55 5.28 5.99
C GLU A 25 26.16 6.50 5.14
N GLU A 26 26.34 6.38 3.83
CA GLU A 26 25.97 7.46 2.91
C GLU A 26 24.46 7.65 2.81
N GLU A 27 23.73 6.55 3.01
CA GLU A 27 22.28 6.55 3.01
C GLU A 27 21.77 7.30 4.23
N LEU A 28 22.28 6.89 5.39
CA LEU A 28 21.94 7.52 6.65
C LEU A 28 22.28 9.00 6.70
N LYS A 29 23.47 9.37 6.22
CA LYS A 29 23.87 10.77 6.24
C LYS A 29 23.03 11.56 5.24
N LYS A 30 22.59 10.91 4.18
CA LYS A 30 21.71 11.59 3.25
C LYS A 30 20.36 11.85 3.89
N ILE A 31 19.86 10.89 4.67
CA ILE A 31 18.63 11.08 5.41
C ILE A 31 18.74 12.22 6.43
N GLN A 32 19.79 12.18 7.25
CA GLN A 32 20.03 13.23 8.23
C GLN A 32 20.13 14.60 7.61
N GLU A 33 20.94 14.70 6.56
CA GLU A 33 21.09 15.97 5.86
C GLU A 33 19.75 16.44 5.32
N LYS A 34 18.91 15.49 4.93
CA LYS A 34 17.60 15.82 4.42
C LYS A 34 16.68 16.40 5.50
N ILE A 35 16.81 15.87 6.71
CA ILE A 35 16.00 16.35 7.81
C ILE A 35 16.50 17.71 8.31
N VAL A 36 17.81 17.79 8.54
CA VAL A 36 18.46 18.99 9.06
C VAL A 36 18.33 20.18 8.11
N ASN A 37 18.44 19.94 6.81
CA ASN A 37 18.41 21.04 5.86
C ASN A 37 17.00 21.34 5.36
N ALA A 38 16.00 20.69 5.94
CA ALA A 38 14.62 20.97 5.60
C ALA A 38 14.20 22.36 6.07
N LYS A 39 13.48 23.08 5.22
CA LYS A 39 12.98 24.42 5.56
C LYS A 39 11.46 24.48 5.59
N LYS A 40 10.80 23.46 5.06
CA LYS A 40 9.34 23.41 5.12
C LYS A 40 8.90 22.04 5.61
N ILE A 41 8.12 22.05 6.69
CA ILE A 41 7.62 20.84 7.32
C ILE A 41 6.12 20.91 7.54
N VAL A 42 5.40 19.85 7.20
CA VAL A 42 3.96 19.79 7.43
C VAL A 42 3.60 18.74 8.49
N VAL A 43 2.84 19.15 9.50
CA VAL A 43 2.37 18.22 10.51
C VAL A 43 0.92 17.83 10.23
N ALA A 44 0.69 16.54 9.99
CA ALA A 44 -0.62 16.05 9.57
C ALA A 44 -1.51 15.57 10.73
N THR A 45 -1.94 16.51 11.57
CA THR A 45 -2.86 16.30 12.69
C THR A 45 -3.58 17.66 12.88
N ASN A 46 -4.76 17.69 13.54
CA ASN A 46 -5.49 18.95 13.79
C ASN A 46 -5.38 19.48 15.23
N ASN A 47 -4.90 18.68 16.17
CA ASN A 47 -4.78 19.26 17.50
C ASN A 47 -3.46 20.04 17.56
N GLN A 48 -3.54 21.25 18.09
CA GLN A 48 -2.40 22.16 18.15
C GLN A 48 -1.37 21.75 19.20
N LYS A 49 -1.77 21.01 20.23
CA LYS A 49 -0.84 20.56 21.27
C LYS A 49 0.30 19.79 20.62
N LYS A 50 -0.12 18.75 19.90
CA LYS A 50 0.76 17.88 19.13
C LYS A 50 1.70 18.72 18.28
N PHE A 51 1.09 19.62 17.53
CA PHE A 51 1.78 20.51 16.61
C PHE A 51 2.85 21.35 17.30
N LYS A 52 2.53 21.93 18.44
CA LYS A 52 3.51 22.72 19.19
C LYS A 52 4.69 21.90 19.66
N VAL A 53 4.39 20.72 20.21
CA VAL A 53 5.45 19.83 20.68
C VAL A 53 6.42 19.53 19.53
N ILE A 54 5.85 19.06 18.42
CA ILE A 54 6.64 18.68 17.26
C ILE A 54 7.41 19.86 16.70
N ARG A 55 6.75 21.00 16.58
CA ARG A 55 7.35 22.23 16.05
C ARG A 55 8.58 22.66 16.83
N ASP A 56 8.41 22.85 18.14
CA ASP A 56 9.53 23.30 18.97
C ASP A 56 10.66 22.28 19.02
N ILE A 57 10.33 20.99 18.99
CA ILE A 57 11.40 19.99 18.91
C ILE A 57 12.19 20.14 17.61
N MET A 58 11.47 20.19 16.50
CA MET A 58 12.09 20.26 15.18
C MET A 58 12.89 21.54 14.93
N LEU A 59 12.52 22.63 15.59
CA LEU A 59 13.24 23.89 15.42
C LEU A 59 14.66 23.87 16.00
N ARG A 60 14.93 22.97 16.94
CA ARG A 60 16.28 22.86 17.48
C ARG A 60 17.15 21.95 16.61
N VAL A 61 16.51 21.26 15.68
CA VAL A 61 17.23 20.37 14.76
C VAL A 61 17.41 21.00 13.38
N CYS A 62 16.45 21.84 12.99
CA CYS A 62 16.51 22.46 11.68
C CYS A 62 15.96 23.88 11.75
N ASN A 63 16.14 24.63 10.67
CA ASN A 63 15.68 26.01 10.61
C ASN A 63 14.54 26.09 9.63
N ALA A 64 13.47 25.35 9.92
CA ALA A 64 12.36 25.21 9.00
C ALA A 64 11.13 26.01 9.38
N GLU A 65 10.34 26.37 8.37
CA GLU A 65 8.95 26.78 8.59
C GLU A 65 8.09 25.55 8.79
N ILE A 66 7.44 25.47 9.94
CA ILE A 66 6.64 24.29 10.27
C ILE A 66 5.18 24.68 10.35
N LYS A 67 4.36 24.06 9.51
CA LYS A 67 2.94 24.40 9.42
C LYS A 67 2.15 23.14 9.72
N MET A 68 0.87 23.32 10.01
CA MET A 68 -0.07 22.29 10.37
C MET A 68 -1.03 22.00 9.19
N LEU A 69 -2.09 21.23 9.44
CA LEU A 69 -3.01 20.83 8.40
C LEU A 69 -4.44 21.26 8.76
N ASP A 70 -5.08 21.98 7.84
CA ASP A 70 -6.42 22.54 8.07
C ASP A 70 -7.43 21.39 8.07
N ILE A 71 -7.24 20.43 7.19
CA ILE A 71 -8.18 19.32 7.14
C ILE A 71 -7.89 18.33 8.26
N ASP A 72 -8.92 17.65 8.74
CA ASP A 72 -8.74 16.65 9.79
C ASP A 72 -8.67 15.30 9.16
N THR A 73 -7.76 14.49 9.69
CA THR A 73 -7.52 13.16 9.17
C THR A 73 -8.14 12.05 10.02
N ARG A 74 -9.45 12.05 10.20
CA ARG A 74 -10.04 10.88 10.83
C ARG A 74 -10.26 9.93 9.67
N PHE A 75 -10.28 10.50 8.46
CA PHE A 75 -10.40 9.76 7.20
C PHE A 75 -9.26 8.76 6.95
N ALA A 76 -8.60 8.35 8.02
CA ALA A 76 -7.48 7.42 7.91
C ALA A 76 -7.58 6.38 9.02
N ASP A 77 -8.49 6.62 9.96
CA ASP A 77 -8.67 5.76 11.10
C ASP A 77 -9.44 4.48 10.74
N LEU A 78 -9.83 4.35 9.49
CA LEU A 78 -10.46 3.14 8.99
C LEU A 78 -9.54 2.33 8.07
N THR A 79 -8.35 2.86 7.83
CA THR A 79 -7.39 2.18 6.96
C THR A 79 -6.44 1.29 7.76
N ARG A 80 -5.68 0.47 7.05
CA ARG A 80 -4.82 -0.53 7.69
C ARG A 80 -3.68 0.07 8.51
N MET A 81 -3.10 1.16 8.03
CA MET A 81 -2.06 1.86 8.77
C MET A 81 -2.33 3.36 8.79
N PRO A 82 -3.15 3.81 9.75
CA PRO A 82 -3.68 5.18 9.87
C PRO A 82 -2.62 6.30 9.84
N ALA A 83 -1.52 6.15 10.56
CA ALA A 83 -0.49 7.18 10.61
C ALA A 83 0.10 7.44 9.23
N LEU A 84 0.51 6.35 8.57
CA LEU A 84 1.07 6.41 7.23
C LEU A 84 0.08 7.04 6.26
N THR A 85 -1.18 6.65 6.37
CA THR A 85 -2.24 7.17 5.52
C THR A 85 -2.39 8.68 5.72
N LYS A 86 -2.31 9.14 6.96
CA LYS A 86 -2.35 10.56 7.27
C LYS A 86 -1.20 11.28 6.57
N GLY A 87 -0.01 10.72 6.71
CA GLY A 87 1.16 11.24 6.03
C GLY A 87 0.96 11.38 4.53
N LEU A 88 0.32 10.38 3.93
CA LEU A 88 0.11 10.37 2.48
C LEU A 88 -0.95 11.38 2.03
N ILE A 89 -1.96 11.59 2.88
CA ILE A 89 -2.97 12.61 2.61
C ILE A 89 -2.30 13.97 2.60
N ALA A 90 -1.51 14.21 3.64
CA ALA A 90 -0.76 15.46 3.77
C ALA A 90 0.14 15.68 2.56
N LEU A 91 0.83 14.62 2.14
CA LEU A 91 1.67 14.69 0.94
C LEU A 91 0.82 15.04 -0.29
N ASP A 92 -0.40 14.52 -0.35
CA ASP A 92 -1.25 14.75 -1.52
C ASP A 92 -1.78 16.18 -1.60
N ILE A 93 -2.07 16.81 -0.46
CA ILE A 93 -2.68 18.14 -0.52
C ILE A 93 -1.80 19.31 -0.10
N GLU A 94 -0.58 19.03 0.33
CA GLU A 94 0.29 20.12 0.79
C GLU A 94 1.73 19.97 0.33
N LYS A 95 2.37 21.11 0.06
CA LYS A 95 3.73 21.15 -0.45
C LYS A 95 4.73 21.32 0.68
N ALA A 96 5.70 20.41 0.78
CA ALA A 96 6.70 20.45 1.85
C ALA A 96 7.91 19.58 1.52
N ASP A 97 8.98 19.73 2.31
CA ASP A 97 10.15 18.89 2.15
C ASP A 97 10.15 17.78 3.20
N LEU A 98 9.33 17.96 4.23
CA LEU A 98 9.12 16.92 5.22
C LEU A 98 7.67 16.88 5.68
N TYR A 99 7.16 15.68 5.89
CA TYR A 99 5.80 15.51 6.40
C TYR A 99 5.84 14.66 7.65
N ILE A 100 5.27 15.19 8.74
CA ILE A 100 5.29 14.49 10.01
C ILE A 100 3.88 14.07 10.42
N ALA A 101 3.71 12.78 10.65
CA ALA A 101 2.38 12.25 10.97
C ALA A 101 2.39 11.40 12.23
N ARG A 102 1.26 11.39 12.93
CA ARG A 102 1.12 10.57 14.14
C ARG A 102 -0.27 9.96 14.17
N GLY A 103 -0.35 8.65 14.37
CA GLY A 103 -1.64 7.99 14.44
C GLY A 103 -1.51 6.58 14.97
N ARG A 104 -2.57 5.78 14.76
CA ARG A 104 -2.52 4.38 15.15
C ARG A 104 -1.62 3.61 14.21
N LEU A 105 -0.87 2.66 14.75
CA LEU A 105 0.04 1.84 13.95
C LEU A 105 -0.72 1.02 12.89
N GLY A 106 -1.58 0.14 13.35
CA GLY A 106 -2.31 -0.74 12.45
C GLY A 106 -3.74 -0.99 12.88
N ALA A 107 -4.01 -2.22 13.29
CA ALA A 107 -5.33 -2.59 13.81
C ALA A 107 -5.60 -1.88 15.13
N PRO A 108 -6.88 -1.69 15.48
CA PRO A 108 -7.25 -1.16 16.79
C PRO A 108 -6.58 -1.92 17.95
N GLY A 109 -5.88 -1.21 18.82
CA GLY A 109 -5.17 -1.83 19.92
C GLY A 109 -3.67 -1.95 19.74
N SER A 110 -3.17 -1.48 18.59
CA SER A 110 -1.77 -1.71 18.22
C SER A 110 -0.79 -0.64 18.71
N GLY A 111 -1.28 0.31 19.51
CA GLY A 111 -0.41 1.37 20.00
C GLY A 111 -0.24 2.46 18.96
N SER A 112 0.73 3.34 19.16
CA SER A 112 0.85 4.50 18.28
C SER A 112 2.14 4.52 17.47
N MET A 113 2.09 5.23 16.35
CA MET A 113 3.24 5.43 15.48
C MET A 113 3.35 6.87 15.03
N LEU A 114 4.57 7.42 15.11
CA LEU A 114 4.90 8.67 14.47
C LEU A 114 5.85 8.37 13.32
N VAL A 115 5.58 8.96 12.15
CA VAL A 115 6.37 8.69 10.96
C VAL A 115 6.75 9.98 10.25
N ILE A 116 7.94 10.00 9.66
CA ILE A 116 8.40 11.13 8.88
C ILE A 116 8.63 10.74 7.41
N LEU A 117 7.94 11.42 6.51
CA LEU A 117 8.03 11.13 5.07
C LEU A 117 8.71 12.29 4.34
N ASP A 118 9.37 11.98 3.22
CA ASP A 118 10.00 13.01 2.41
C ASP A 118 9.06 13.53 1.33
N GLU A 119 9.61 14.33 0.41
CA GLU A 119 8.83 14.91 -0.68
C GLU A 119 8.16 13.90 -1.60
N LYS A 120 8.72 12.68 -1.70
CA LYS A 120 8.13 11.71 -2.61
C LYS A 120 7.54 10.50 -1.88
N GLY A 121 7.23 10.67 -0.60
CA GLY A 121 6.52 9.66 0.16
C GLY A 121 7.36 8.53 0.71
N ARG A 122 8.68 8.69 0.68
CA ARG A 122 9.57 7.69 1.27
C ARG A 122 9.59 7.80 2.79
N VAL A 123 9.61 6.67 3.48
CA VAL A 123 9.70 6.64 4.93
C VAL A 123 11.14 6.83 5.39
N LEU A 124 11.42 7.96 6.03
CA LEU A 124 12.77 8.28 6.47
C LEU A 124 13.06 7.73 7.86
N THR A 125 12.09 7.88 8.76
CA THR A 125 12.22 7.37 10.13
C THR A 125 10.86 7.32 10.82
N ALA A 126 10.81 6.59 11.92
CA ALA A 126 9.55 6.39 12.64
C ALA A 126 9.82 5.96 14.08
N SER A 127 8.80 6.08 14.92
CA SER A 127 8.91 5.59 16.30
C SER A 127 7.55 5.18 16.85
N LEU A 128 7.57 4.27 17.82
CA LEU A 128 6.34 3.68 18.32
C LEU A 128 6.15 3.90 19.81
N SER A 129 4.90 3.94 20.23
CA SER A 129 4.59 3.94 21.66
C SER A 129 3.58 2.84 21.97
N PRO A 130 3.67 2.28 23.19
CA PRO A 130 2.72 1.25 23.63
C PRO A 130 1.29 1.77 23.58
N SER A 131 0.32 0.87 23.61
CA SER A 131 -1.08 1.28 23.63
C SER A 131 -1.33 2.19 24.81
N SER A 132 -2.11 3.25 24.58
CA SER A 132 -2.49 4.17 25.65
C SER A 132 -3.27 3.42 26.73
N VAL A 133 -3.77 2.25 26.36
CA VAL A 133 -4.47 1.37 27.29
C VAL A 133 -3.60 0.93 28.47
N ILE A 134 -2.37 0.53 28.21
CA ILE A 134 -1.48 0.08 29.26
C ILE A 134 -0.65 1.26 29.76
N HIS A 135 -0.17 2.06 28.81
CA HIS A 135 0.66 3.23 29.07
C HIS A 135 0.11 4.08 30.21
N LYS A 136 -0.97 4.81 29.93
CA LYS A 136 -1.64 5.69 30.90
C LYS A 136 -0.82 6.93 31.22
N GLU A 137 0.03 7.34 30.28
CA GLU A 137 0.83 8.55 30.45
C GLU A 137 0.40 9.67 29.51
N ASP A 138 0.89 10.87 29.78
CA ASP A 138 0.48 12.08 29.05
C ASP A 138 0.92 12.02 27.58
N ILE A 139 0.16 12.71 26.73
CA ILE A 139 0.31 12.61 25.29
C ILE A 139 1.44 13.48 24.75
N GLU A 140 1.72 14.61 25.40
CA GLU A 140 2.73 15.56 24.93
C GLU A 140 4.12 15.00 25.19
N GLU A 141 4.23 14.30 26.30
CA GLU A 141 5.48 13.69 26.73
C GLU A 141 5.73 12.47 25.85
N ARG A 142 4.67 11.74 25.55
CA ARG A 142 4.72 10.56 24.71
C ARG A 142 5.07 10.89 23.26
N ILE A 143 4.52 12.01 22.78
CA ILE A 143 4.82 12.54 21.47
C ILE A 143 6.28 13.03 21.42
N LYS A 144 6.71 13.64 22.51
CA LYS A 144 8.09 14.12 22.60
C LYS A 144 9.04 12.92 22.53
N LYS A 145 8.69 11.87 23.27
CA LYS A 145 9.45 10.63 23.28
C LYS A 145 9.52 9.99 21.90
N GLU A 146 8.39 9.97 21.21
CA GLU A 146 8.32 9.40 19.88
C GLU A 146 9.20 10.17 18.89
N LEU A 147 9.06 11.48 18.88
CA LEU A 147 9.81 12.29 17.92
C LEU A 147 11.32 12.23 18.21
N ILE A 148 11.69 12.29 19.48
CA ILE A 148 13.09 12.21 19.86
C ILE A 148 13.70 10.86 19.49
N GLU A 149 12.97 9.77 19.72
CA GLU A 149 13.47 8.45 19.31
C GLU A 149 13.60 8.35 17.80
N ALA A 150 12.61 8.90 17.10
CA ALA A 150 12.60 8.87 15.64
C ALA A 150 13.79 9.63 15.05
N LEU A 151 14.15 10.74 15.67
CA LEU A 151 15.31 11.51 15.22
C LEU A 151 16.63 10.84 15.61
N SER A 152 16.69 10.34 16.85
CA SER A 152 17.92 9.75 17.38
C SER A 152 18.30 8.44 16.69
N ARG A 153 17.30 7.63 16.35
CA ARG A 153 17.55 6.32 15.75
C ARG A 153 18.21 6.45 14.38
N ILE A 154 18.16 7.64 13.78
CA ILE A 154 18.86 7.87 12.52
C ILE A 154 20.00 8.84 12.75
N GLY A 155 20.38 9.05 14.01
CA GLY A 155 21.59 9.76 14.34
C GLY A 155 21.47 11.27 14.49
N ILE A 156 20.25 11.73 14.71
CA ILE A 156 19.98 13.16 14.84
C ILE A 156 19.77 13.57 16.29
N SER A 157 20.61 14.47 16.78
CA SER A 157 20.49 14.95 18.14
C SER A 157 19.66 16.23 18.28
N ILE A 158 18.71 16.17 19.22
CA ILE A 158 17.87 17.31 19.54
C ILE A 158 18.64 18.34 20.37
N LEU A 159 19.75 17.91 20.95
CA LEU A 159 20.56 18.77 21.80
C LEU A 159 21.14 19.96 21.06
N VAL B 3 -15.74 -11.97 17.45
CA VAL B 3 -14.69 -12.06 16.44
C VAL B 3 -14.06 -10.68 16.24
N MET B 4 -12.80 -10.66 15.79
CA MET B 4 -12.07 -9.43 15.52
C MET B 4 -12.81 -8.53 14.52
N GLU B 5 -13.54 -9.15 13.59
CA GLU B 5 -14.29 -8.39 12.59
C GLU B 5 -15.31 -7.46 13.25
N GLU B 6 -16.00 -7.97 14.28
CA GLU B 6 -16.94 -7.15 15.06
C GLU B 6 -16.29 -6.03 15.86
N ILE B 7 -15.23 -6.33 16.59
CA ILE B 7 -14.56 -5.30 17.39
C ILE B 7 -14.03 -4.20 16.49
N ILE B 8 -13.36 -4.59 15.41
CA ILE B 8 -12.84 -3.61 14.45
C ILE B 8 -13.99 -2.82 13.83
N LYS B 9 -15.09 -3.49 13.52
CA LYS B 9 -16.26 -2.80 12.98
C LYS B 9 -16.80 -1.75 13.94
N LYS B 10 -16.92 -2.09 15.22
CA LYS B 10 -17.34 -1.13 16.24
C LYS B 10 -16.38 0.06 16.30
N ALA B 11 -15.09 -0.21 16.29
CA ALA B 11 -14.09 0.86 16.30
C ALA B 11 -14.30 1.81 15.11
N PHE B 12 -14.49 1.21 13.94
CA PHE B 12 -14.70 1.97 12.71
C PHE B 12 -15.98 2.81 12.81
N ILE B 13 -17.02 2.23 13.41
CA ILE B 13 -18.28 2.93 13.63
C ILE B 13 -18.08 4.15 14.52
N GLU B 14 -17.32 3.99 15.61
CA GLU B 14 -17.00 5.10 16.48
C GLU B 14 -16.25 6.19 15.71
N SER B 15 -15.36 5.76 14.82
CA SER B 15 -14.63 6.72 14.01
C SER B 15 -15.55 7.47 13.06
N ILE B 16 -16.50 6.77 12.46
CA ILE B 16 -17.48 7.37 11.55
C ILE B 16 -18.33 8.41 12.27
N ASN B 17 -18.79 8.07 13.46
CA ASN B 17 -19.62 8.98 14.24
C ASN B 17 -18.76 10.00 14.99
N ASN B 18 -17.45 9.90 14.75
CA ASN B 18 -16.47 10.84 15.28
C ASN B 18 -16.48 10.92 16.81
N ILE B 19 -16.66 9.78 17.46
CA ILE B 19 -16.64 9.73 18.92
C ILE B 19 -15.51 8.79 19.39
N ARG B 20 -14.64 8.43 18.46
CA ARG B 20 -13.52 7.55 18.74
C ARG B 20 -12.46 8.30 19.53
N ARG B 21 -11.97 7.69 20.60
CA ARG B 21 -10.98 8.33 21.48
C ARG B 21 -9.62 7.64 21.52
N GLY B 22 -9.52 6.47 20.90
CA GLY B 22 -8.26 5.74 20.90
C GLY B 22 -8.47 4.26 21.13
N ASP B 23 -7.38 3.55 21.41
CA ASP B 23 -7.46 2.11 21.61
C ASP B 23 -8.29 1.73 22.82
N LYS B 24 -9.02 0.63 22.72
CA LYS B 24 -9.78 0.16 23.87
C LYS B 24 -9.29 -1.21 24.30
N GLU B 25 -9.50 -1.50 25.57
CA GLU B 25 -8.95 -2.70 26.20
C GLU B 25 -9.42 -4.02 25.59
N GLU B 26 -10.64 -4.09 25.07
CA GLU B 26 -11.11 -5.32 24.42
C GLU B 26 -10.38 -5.55 23.10
N GLU B 27 -9.89 -4.46 22.50
CA GLU B 27 -9.09 -4.53 21.27
C GLU B 27 -7.71 -5.12 21.56
N LEU B 28 -7.03 -4.55 22.56
CA LEU B 28 -5.74 -5.03 23.01
C LEU B 28 -5.87 -6.48 23.47
N LYS B 29 -6.96 -6.78 24.17
CA LYS B 29 -7.20 -8.13 24.66
C LYS B 29 -7.43 -9.08 23.51
N LYS B 30 -7.99 -8.56 22.42
CA LYS B 30 -8.16 -9.37 21.22
C LYS B 30 -6.81 -9.63 20.55
N ILE B 31 -5.92 -8.64 20.56
CA ILE B 31 -4.56 -8.84 20.04
C ILE B 31 -3.78 -9.90 20.83
N GLN B 32 -3.77 -9.75 22.16
CA GLN B 32 -3.14 -10.74 23.05
C GLN B 32 -3.72 -12.11 22.81
N GLU B 33 -5.05 -12.14 22.73
CA GLU B 33 -5.81 -13.35 22.43
C GLU B 33 -5.35 -13.98 21.14
N LYS B 34 -5.04 -13.11 20.19
CA LYS B 34 -4.64 -13.51 18.86
C LYS B 34 -3.26 -14.14 18.81
N ILE B 35 -2.32 -13.55 19.56
CA ILE B 35 -0.95 -14.05 19.58
C ILE B 35 -0.76 -15.28 20.48
N VAL B 36 -1.28 -15.22 21.69
CA VAL B 36 -1.10 -16.30 22.66
C VAL B 36 -1.72 -17.62 22.19
N ASN B 37 -2.90 -17.53 21.58
CA ASN B 37 -3.64 -18.73 21.17
C ASN B 37 -3.34 -19.16 19.73
N ALA B 38 -2.28 -18.60 19.15
CA ALA B 38 -1.85 -19.00 17.81
C ALA B 38 -1.43 -20.46 17.81
N LYS B 39 -1.76 -21.17 16.72
CA LYS B 39 -1.45 -22.58 16.62
C LYS B 39 -0.39 -22.81 15.56
N LYS B 40 -0.26 -21.84 14.66
CA LYS B 40 0.77 -21.85 13.63
C LYS B 40 1.37 -20.46 13.42
N ILE B 41 2.69 -20.39 13.44
CA ILE B 41 3.38 -19.13 13.22
C ILE B 41 4.38 -19.32 12.10
N VAL B 42 4.37 -18.40 11.13
CA VAL B 42 5.29 -18.45 10.02
C VAL B 42 6.29 -17.30 10.11
N VAL B 43 7.56 -17.64 10.00
CA VAL B 43 8.63 -16.66 10.03
C VAL B 43 9.03 -16.36 8.60
N ALA B 44 8.98 -15.10 8.21
CA ALA B 44 9.16 -14.73 6.81
C ALA B 44 10.64 -14.57 6.46
N THR B 45 11.35 -15.69 6.49
CA THR B 45 12.76 -15.71 6.14
C THR B 45 13.21 -17.12 5.74
N ASN B 46 14.38 -17.23 5.11
CA ASN B 46 14.98 -18.52 4.76
C ASN B 46 16.11 -18.76 5.75
N ASN B 47 16.35 -17.72 6.53
CA ASN B 47 17.52 -17.57 7.35
C ASN B 47 17.50 -18.38 8.63
N GLN B 48 18.68 -18.92 8.93
CA GLN B 48 18.89 -19.81 10.04
C GLN B 48 18.74 -19.13 11.36
N LYS B 49 19.56 -18.10 11.45
CA LYS B 49 19.81 -17.32 12.63
C LYS B 49 18.48 -16.74 13.10
N LYS B 50 17.90 -15.94 12.20
CA LYS B 50 16.62 -15.32 12.42
C LYS B 50 15.53 -16.29 12.84
N PHE B 51 15.35 -17.36 12.07
CA PHE B 51 14.29 -18.33 12.39
C PHE B 51 14.43 -18.91 13.79
N LYS B 52 15.64 -19.36 14.14
CA LYS B 52 15.85 -19.92 15.47
C LYS B 52 15.63 -18.87 16.56
N VAL B 53 16.15 -17.66 16.34
CA VAL B 53 15.96 -16.56 17.29
C VAL B 53 14.48 -16.26 17.58
N ILE B 54 13.70 -16.06 16.54
CA ILE B 54 12.28 -15.74 16.68
C ILE B 54 11.52 -16.91 17.32
N ARG B 55 11.85 -18.10 16.83
CA ARG B 55 11.25 -19.35 17.30
C ARG B 55 11.40 -19.52 18.81
N ASP B 56 12.60 -19.29 19.33
CA ASP B 56 12.86 -19.52 20.76
C ASP B 56 11.95 -18.69 21.67
N ILE B 57 11.72 -17.43 21.29
CA ILE B 57 10.79 -16.59 22.03
C ILE B 57 9.35 -17.06 21.88
N MET B 58 8.94 -17.25 20.63
CA MET B 58 7.55 -17.56 20.34
C MET B 58 7.08 -18.91 20.92
N LEU B 59 7.99 -19.88 21.03
CA LEU B 59 7.64 -21.17 21.62
C LEU B 59 7.41 -21.06 23.12
N ARG B 60 8.05 -20.08 23.72
CA ARG B 60 7.90 -19.81 25.14
C ARG B 60 6.76 -18.84 25.45
N VAL B 61 6.20 -18.22 24.41
CA VAL B 61 5.06 -17.34 24.62
C VAL B 61 3.76 -18.05 24.24
N CYS B 62 3.85 -19.01 23.32
CA CYS B 62 2.69 -19.77 22.88
C CYS B 62 3.08 -21.21 22.57
N ASN B 63 2.08 -22.06 22.37
CA ASN B 63 2.30 -23.48 22.08
C ASN B 63 1.91 -23.80 20.63
N ALA B 64 2.60 -23.11 19.72
CA ALA B 64 2.33 -23.19 18.28
C ALA B 64 3.40 -23.96 17.52
N GLU B 65 3.03 -24.48 16.35
CA GLU B 65 4.01 -24.93 15.37
C GLU B 65 4.62 -23.72 14.68
N ILE B 66 5.93 -23.57 14.76
CA ILE B 66 6.58 -22.42 14.17
C ILE B 66 7.48 -22.86 13.01
N LYS B 67 7.17 -22.36 11.82
CA LYS B 67 7.87 -22.81 10.62
C LYS B 67 8.52 -21.65 9.87
N MET B 68 9.42 -22.01 8.96
CA MET B 68 10.19 -21.06 8.17
C MET B 68 9.67 -21.05 6.74
N LEU B 69 10.41 -20.38 5.85
CA LEU B 69 10.01 -20.21 4.46
C LEU B 69 11.05 -20.80 3.55
N ASP B 70 10.58 -21.64 2.61
CA ASP B 70 11.46 -22.32 1.69
C ASP B 70 12.02 -21.26 0.75
N ILE B 71 11.16 -20.35 0.31
CA ILE B 71 11.59 -19.24 -0.53
C ILE B 71 12.13 -18.10 0.34
N ASP B 72 13.11 -17.35 -0.18
CA ASP B 72 13.64 -16.20 0.59
C ASP B 72 13.11 -14.86 0.09
N THR B 73 12.84 -13.96 1.03
CA THR B 73 12.27 -12.66 0.73
C THR B 73 13.26 -11.50 0.71
N ARG B 74 14.28 -11.55 -0.14
CA ARG B 74 15.15 -10.40 -0.33
C ARG B 74 14.58 -9.47 -1.41
N PHE B 75 13.68 -10.03 -2.22
CA PHE B 75 13.00 -9.28 -3.29
C PHE B 75 12.18 -8.09 -2.80
N ALA B 76 11.96 -8.01 -1.49
CA ALA B 76 11.14 -6.95 -0.93
C ALA B 76 11.98 -5.71 -0.62
N ASP B 77 13.29 -5.83 -0.80
CA ASP B 77 14.22 -4.75 -0.46
C ASP B 77 14.20 -3.59 -1.46
N LEU B 78 13.38 -3.68 -2.50
CA LEU B 78 13.21 -2.55 -3.43
C LEU B 78 11.86 -1.85 -3.29
N THR B 79 11.04 -2.32 -2.35
CA THR B 79 9.74 -1.69 -2.13
C THR B 79 9.85 -0.61 -1.07
N ARG B 80 8.79 0.18 -0.91
CA ARG B 80 8.83 1.33 -0.01
C ARG B 80 9.00 0.93 1.44
N MET B 81 8.36 -0.17 1.83
CA MET B 81 8.50 -0.70 3.19
C MET B 81 8.74 -2.20 3.16
N PRO B 82 10.02 -2.59 3.01
CA PRO B 82 10.47 -3.98 2.82
C PRO B 82 9.93 -4.98 3.84
N ALA B 83 9.93 -4.63 5.13
CA ALA B 83 9.47 -5.55 6.17
C ALA B 83 8.01 -5.96 5.97
N LEU B 84 7.16 -4.96 5.80
CA LEU B 84 5.74 -5.18 5.55
C LEU B 84 5.53 -6.04 4.31
N THR B 85 6.29 -5.73 3.27
CA THR B 85 6.22 -6.46 2.01
C THR B 85 6.58 -7.93 2.21
N LYS B 86 7.61 -8.19 3.02
CA LYS B 86 8.02 -9.54 3.35
C LYS B 86 6.86 -10.26 4.04
N GLY B 87 6.29 -9.61 5.04
CA GLY B 87 5.14 -10.12 5.75
C GLY B 87 4.00 -10.50 4.82
N LEU B 88 3.78 -9.66 3.80
CA LEU B 88 2.71 -9.90 2.85
C LEU B 88 3.03 -11.04 1.90
N ILE B 89 4.30 -11.23 1.60
CA ILE B 89 4.72 -12.38 0.79
C ILE B 89 4.44 -13.68 1.54
N ALA B 90 4.87 -13.72 2.80
CA ALA B 90 4.64 -14.88 3.65
C ALA B 90 3.14 -15.15 3.78
N LEU B 91 2.38 -14.08 4.01
CA LEU B 91 0.92 -14.16 4.06
C LEU B 91 0.34 -14.73 2.78
N ASP B 92 0.95 -14.34 1.67
CA ASP B 92 0.46 -14.70 0.35
C ASP B 92 0.70 -16.17 0.02
N ILE B 93 1.79 -16.77 0.50
CA ILE B 93 2.05 -18.13 0.01
C ILE B 93 1.84 -19.28 0.99
N GLU B 94 1.66 -18.99 2.27
CA GLU B 94 1.47 -20.07 3.24
C GLU B 94 0.50 -19.64 4.35
N LYS B 95 -0.27 -20.59 4.87
CA LYS B 95 -1.25 -20.27 5.89
C LYS B 95 -0.82 -20.48 7.34
N ALA B 96 -1.12 -19.47 8.15
CA ALA B 96 -0.75 -19.43 9.55
C ALA B 96 -1.65 -18.45 10.30
N ASP B 97 -1.56 -18.48 11.63
CA ASP B 97 -2.35 -17.59 12.46
C ASP B 97 -1.52 -16.37 12.85
N LEU B 98 -0.21 -16.47 12.67
CA LEU B 98 0.70 -15.35 12.89
C LEU B 98 1.80 -15.32 11.84
N TYR B 99 2.15 -14.11 11.42
CA TYR B 99 3.27 -13.94 10.50
C TYR B 99 4.26 -12.96 11.11
N ILE B 100 5.51 -13.37 11.22
CA ILE B 100 6.52 -12.50 11.79
C ILE B 100 7.50 -12.13 10.70
N ALA B 101 7.64 -10.83 10.46
CA ALA B 101 8.50 -10.37 9.38
C ALA B 101 9.49 -9.38 9.93
N ARG B 102 10.67 -9.34 9.33
CA ARG B 102 11.67 -8.40 9.78
C ARG B 102 12.45 -7.86 8.58
N GLY B 103 12.58 -6.54 8.49
CA GLY B 103 13.30 -5.98 7.36
C GLY B 103 13.66 -4.52 7.55
N ARG B 104 14.00 -3.84 6.46
CA ARG B 104 14.27 -2.42 6.53
C ARG B 104 12.96 -1.68 6.74
N LEU B 105 12.98 -0.63 7.55
CA LEU B 105 11.77 0.14 7.84
C LEU B 105 11.20 0.76 6.57
N GLY B 106 11.99 1.62 5.93
CA GLY B 106 11.54 2.30 4.73
C GLY B 106 12.65 2.45 3.70
N ALA B 107 13.09 3.68 3.48
CA ALA B 107 14.18 3.98 2.56
C ALA B 107 15.50 3.41 3.08
N PRO B 108 16.46 3.14 2.18
CA PRO B 108 17.81 2.77 2.60
C PRO B 108 18.40 3.79 3.58
N GLY B 109 18.83 3.32 4.75
CA GLY B 109 19.37 4.19 5.78
C GLY B 109 18.41 4.46 6.92
N SER B 110 17.19 3.93 6.82
CA SER B 110 16.13 4.25 7.76
C SER B 110 16.02 3.32 8.96
N GLY B 111 16.96 2.38 9.09
CA GLY B 111 16.94 1.44 10.20
C GLY B 111 16.01 0.28 9.93
N SER B 112 15.71 -0.49 10.97
CA SER B 112 14.95 -1.72 10.75
C SER B 112 13.60 -1.75 11.46
N MET B 113 12.72 -2.61 10.98
CA MET B 113 11.41 -2.84 11.58
C MET B 113 11.07 -4.34 11.64
N LEU B 114 10.57 -4.77 12.79
CA LEU B 114 9.96 -6.09 12.92
C LEU B 114 8.45 -5.94 13.09
N VAL B 115 7.68 -6.75 12.37
CA VAL B 115 6.22 -6.65 12.39
C VAL B 115 5.55 -8.00 12.60
N ILE B 116 4.41 -7.97 13.29
CA ILE B 116 3.60 -9.17 13.49
C ILE B 116 2.22 -8.98 12.86
N LEU B 117 1.87 -9.89 11.94
CA LEU B 117 0.60 -9.83 11.22
C LEU B 117 -0.32 -11.00 11.58
N ASP B 118 -1.62 -10.76 11.45
CA ASP B 118 -2.62 -11.81 11.68
C ASP B 118 -2.93 -12.53 10.36
N GLU B 119 -3.96 -13.39 10.35
CA GLU B 119 -4.28 -14.17 9.16
C GLU B 119 -4.65 -13.27 7.98
N LYS B 120 -5.10 -12.05 8.25
CA LYS B 120 -5.58 -11.17 7.19
C LYS B 120 -4.66 -9.99 6.93
N GLY B 121 -3.41 -10.08 7.37
CA GLY B 121 -2.43 -9.07 7.03
C GLY B 121 -2.54 -7.80 7.86
N ARG B 122 -3.33 -7.85 8.91
CA ARG B 122 -3.47 -6.71 9.80
C ARG B 122 -2.24 -6.58 10.69
N VAL B 123 -1.78 -5.35 10.88
CA VAL B 123 -0.63 -5.10 11.74
C VAL B 123 -1.06 -5.07 13.20
N LEU B 124 -0.62 -6.06 13.97
CA LEU B 124 -0.98 -6.18 15.37
C LEU B 124 0.01 -5.44 16.26
N THR B 125 1.29 -5.58 15.94
CA THR B 125 2.34 -4.91 16.69
C THR B 125 3.64 -4.88 15.89
N ALA B 126 4.55 -4.00 16.32
CA ALA B 126 5.80 -3.79 15.60
C ALA B 126 6.84 -3.16 16.50
N SER B 127 8.10 -3.20 16.07
CA SER B 127 9.16 -2.52 16.79
C SER B 127 10.26 -2.06 15.85
N LEU B 128 10.98 -1.02 16.24
CA LEU B 128 11.95 -0.39 15.36
C LEU B 128 13.35 -0.40 15.94
N SER B 129 14.34 -0.43 15.05
CA SER B 129 15.72 -0.31 15.45
C SER B 129 16.43 0.77 14.65
N PRO B 130 17.41 1.45 15.27
CA PRO B 130 18.24 2.43 14.59
C PRO B 130 18.95 1.79 13.40
N SER B 131 19.48 2.62 12.49
CA SER B 131 20.24 2.09 11.37
C SER B 131 21.37 1.20 11.86
N SER B 132 21.60 0.09 11.18
CA SER B 132 22.68 -0.83 11.53
C SER B 132 24.02 -0.12 11.40
N VAL B 133 24.02 0.97 10.64
CA VAL B 133 25.17 1.83 10.51
C VAL B 133 25.52 2.41 11.87
N ILE B 134 24.49 2.74 12.65
CA ILE B 134 24.68 3.36 13.96
C ILE B 134 24.86 2.37 15.11
N HIS B 135 24.04 1.33 15.16
CA HIS B 135 24.08 0.42 16.30
C HIS B 135 24.99 -0.78 16.13
N LYS B 136 25.78 -0.79 15.06
CA LYS B 136 26.68 -1.90 14.67
C LYS B 136 26.59 -3.18 15.48
N GLU B 137 25.37 -3.66 15.70
CA GLU B 137 25.10 -4.90 16.38
C GLU B 137 24.68 -5.73 15.20
N ASP B 138 24.74 -7.04 15.25
CA ASP B 138 24.27 -7.73 14.07
C ASP B 138 22.99 -8.47 14.32
N ILE B 139 22.33 -8.64 13.20
CA ILE B 139 20.93 -9.03 13.09
C ILE B 139 20.22 -9.87 14.21
N GLU B 140 20.93 -10.74 14.95
CA GLU B 140 20.30 -11.61 15.93
C GLU B 140 20.16 -10.99 17.34
N GLU B 141 20.93 -9.93 17.67
CA GLU B 141 20.78 -9.34 19.00
C GLU B 141 19.56 -8.42 19.02
N ARG B 142 19.54 -7.51 18.05
CA ARG B 142 18.45 -6.56 17.85
C ARG B 142 17.16 -7.20 17.35
N ILE B 143 17.20 -8.30 16.60
CA ILE B 143 15.91 -8.97 16.28
C ILE B 143 15.24 -9.47 17.55
N LYS B 144 16.02 -10.01 18.49
CA LYS B 144 15.44 -10.47 19.74
C LYS B 144 14.90 -9.27 20.53
N LYS B 145 15.66 -8.19 20.56
CA LYS B 145 15.23 -6.96 21.24
C LYS B 145 13.93 -6.44 20.62
N GLU B 146 13.87 -6.47 19.30
CA GLU B 146 12.70 -6.04 18.55
C GLU B 146 11.48 -6.88 18.85
N LEU B 147 11.63 -8.21 18.81
CA LEU B 147 10.51 -9.10 19.04
C LEU B 147 10.00 -8.98 20.48
N ILE B 148 10.95 -8.93 21.43
CA ILE B 148 10.60 -8.79 22.84
C ILE B 148 9.92 -7.46 23.12
N GLU B 149 10.41 -6.39 22.51
CA GLU B 149 9.80 -5.07 22.64
C GLU B 149 8.40 -5.05 22.02
N ALA B 150 8.27 -5.71 20.87
CA ALA B 150 7.00 -5.78 20.15
C ALA B 150 5.95 -6.55 20.95
N LEU B 151 6.37 -7.59 21.63
CA LEU B 151 5.46 -8.36 22.49
C LEU B 151 5.13 -7.61 23.78
N SER B 152 6.14 -6.96 24.36
CA SER B 152 5.97 -6.26 25.62
C SER B 152 5.08 -5.03 25.48
N ARG B 153 5.22 -4.32 24.37
CA ARG B 153 4.46 -3.10 24.12
C ARG B 153 2.96 -3.36 24.02
N ILE B 154 2.60 -4.62 23.81
CA ILE B 154 1.19 -5.00 23.78
C ILE B 154 0.84 -5.86 24.97
N GLY B 155 1.71 -5.88 25.98
CA GLY B 155 1.39 -6.49 27.25
C GLY B 155 1.71 -7.96 27.35
N ILE B 156 2.56 -8.45 26.45
CA ILE B 156 2.91 -9.87 26.44
C ILE B 156 4.31 -10.10 27.02
N SER B 157 4.38 -10.97 28.01
CA SER B 157 5.63 -11.30 28.67
C SER B 157 6.16 -12.64 28.19
N VAL C 3 -4.99 -23.96 -1.16
CA VAL C 3 -4.51 -24.49 -2.43
C VAL C 3 -4.01 -23.39 -3.37
N MET C 4 -4.64 -22.22 -3.31
CA MET C 4 -4.20 -21.05 -4.09
C MET C 4 -2.78 -20.63 -3.78
N GLU C 5 -2.45 -20.69 -2.50
CA GLU C 5 -1.12 -20.37 -1.99
C GLU C 5 -0.03 -21.31 -2.52
N GLU C 6 -0.38 -22.58 -2.74
CA GLU C 6 0.56 -23.54 -3.34
C GLU C 6 0.95 -23.02 -4.72
N ILE C 7 -0.08 -22.67 -5.48
CA ILE C 7 0.03 -22.20 -6.84
C ILE C 7 0.86 -20.92 -6.93
N ILE C 8 0.53 -19.97 -6.08
CA ILE C 8 1.22 -18.70 -5.98
C ILE C 8 2.67 -18.94 -5.58
N LYS C 9 2.90 -19.92 -4.71
CA LYS C 9 4.24 -20.31 -4.32
C LYS C 9 5.03 -20.78 -5.54
N LYS C 10 4.39 -21.60 -6.37
CA LYS C 10 5.03 -22.04 -7.62
C LYS C 10 5.42 -20.86 -8.49
N ALA C 11 4.49 -19.92 -8.64
CA ALA C 11 4.73 -18.72 -9.43
C ALA C 11 5.91 -17.91 -8.90
N PHE C 12 5.93 -17.71 -7.59
CA PHE C 12 6.98 -16.94 -6.93
C PHE C 12 8.33 -17.63 -7.08
N ILE C 13 8.34 -18.95 -6.99
CA ILE C 13 9.57 -19.71 -7.20
C ILE C 13 10.07 -19.49 -8.62
N GLU C 14 9.16 -19.53 -9.59
CA GLU C 14 9.52 -19.25 -10.98
C GLU C 14 10.12 -17.86 -11.11
N SER C 15 9.55 -16.90 -10.39
CA SER C 15 10.09 -15.54 -10.42
C SER C 15 11.48 -15.48 -9.78
N ILE C 16 11.67 -16.18 -8.65
CA ILE C 16 12.96 -16.22 -7.96
C ILE C 16 14.05 -16.83 -8.84
N ASN C 17 13.74 -17.93 -9.52
CA ASN C 17 14.72 -18.57 -10.38
C ASN C 17 14.81 -17.92 -11.78
N ASN C 18 14.11 -16.81 -11.95
CA ASN C 18 14.10 -16.03 -13.19
C ASN C 18 13.63 -16.85 -14.38
N ILE C 19 12.64 -17.70 -14.16
CA ILE C 19 12.07 -18.52 -15.22
C ILE C 19 10.59 -18.19 -15.42
N ARG C 20 10.16 -17.08 -14.83
CA ARG C 20 8.76 -16.66 -14.95
C ARG C 20 8.50 -16.13 -16.35
N ARG C 21 7.47 -16.64 -17.00
CA ARG C 21 7.16 -16.24 -18.37
C ARG C 21 5.76 -15.61 -18.49
N GLY C 22 4.99 -15.65 -17.41
CA GLY C 22 3.66 -15.06 -17.40
C GLY C 22 2.63 -15.90 -16.70
N ASP C 23 1.35 -15.58 -16.90
CA ASP C 23 0.26 -16.31 -16.24
C ASP C 23 0.18 -17.75 -16.70
N LYS C 24 -0.22 -18.63 -15.80
CA LYS C 24 -0.35 -20.04 -16.11
C LYS C 24 -1.82 -20.47 -15.99
N GLU C 25 -2.19 -21.50 -16.74
CA GLU C 25 -3.59 -21.90 -16.93
C GLU C 25 -4.32 -22.30 -15.65
N GLU C 26 -3.60 -22.97 -14.76
CA GLU C 26 -4.16 -23.41 -13.49
C GLU C 26 -4.36 -22.26 -12.50
N GLU C 27 -3.60 -21.18 -12.69
CA GLU C 27 -3.75 -19.99 -11.86
C GLU C 27 -5.07 -19.31 -12.17
N LEU C 28 -5.28 -19.04 -13.46
CA LEU C 28 -6.51 -18.43 -13.93
C LEU C 28 -7.72 -19.31 -13.61
N LYS C 29 -7.58 -20.62 -13.83
CA LYS C 29 -8.71 -21.50 -13.60
C LYS C 29 -9.01 -21.60 -12.10
N LYS C 30 -7.98 -21.41 -11.27
CA LYS C 30 -8.16 -21.38 -9.82
C LYS C 30 -8.92 -20.13 -9.42
N ILE C 31 -8.61 -19.01 -10.07
CA ILE C 31 -9.35 -17.77 -9.85
C ILE C 31 -10.82 -17.96 -10.23
N GLN C 32 -11.03 -18.52 -11.41
CA GLN C 32 -12.37 -18.79 -11.93
C GLN C 32 -13.22 -19.65 -10.99
N GLU C 33 -12.69 -20.80 -10.58
CA GLU C 33 -13.40 -21.65 -9.63
C GLU C 33 -13.61 -20.92 -8.30
N LYS C 34 -12.66 -20.06 -7.94
CA LYS C 34 -12.73 -19.32 -6.69
C LYS C 34 -13.92 -18.38 -6.69
N ILE C 35 -14.18 -17.75 -7.84
CA ILE C 35 -15.33 -16.86 -7.94
C ILE C 35 -16.65 -17.63 -8.11
N VAL C 36 -16.66 -18.60 -9.02
CA VAL C 36 -17.88 -19.35 -9.32
C VAL C 36 -18.39 -20.15 -8.11
N ASN C 37 -17.48 -20.78 -7.39
CA ASN C 37 -17.86 -21.62 -6.25
C ASN C 37 -17.81 -20.86 -4.93
N ALA C 38 -17.69 -19.54 -4.99
CA ALA C 38 -17.72 -18.72 -3.80
C ALA C 38 -19.09 -18.88 -3.12
N LYS C 39 -19.09 -18.95 -1.79
CA LYS C 39 -20.33 -19.13 -1.05
C LYS C 39 -20.68 -17.90 -0.23
N LYS C 40 -19.70 -17.02 -0.04
CA LYS C 40 -19.98 -15.75 0.63
C LYS C 40 -19.28 -14.59 -0.06
N ILE C 41 -20.06 -13.57 -0.43
CA ILE C 41 -19.55 -12.40 -1.10
C ILE C 41 -19.99 -11.13 -0.40
N VAL C 42 -19.04 -10.22 -0.16
CA VAL C 42 -19.34 -8.94 0.46
C VAL C 42 -19.14 -7.82 -0.54
N VAL C 43 -20.14 -6.96 -0.66
CA VAL C 43 -20.07 -5.80 -1.54
C VAL C 43 -19.72 -4.60 -0.66
N ALA C 44 -18.63 -3.93 -0.98
CA ALA C 44 -18.09 -2.89 -0.12
C ALA C 44 -18.73 -1.54 -0.35
N THR C 45 -19.99 -1.44 0.02
CA THR C 45 -20.72 -0.18 -0.06
C THR C 45 -21.87 -0.19 0.94
N ASN C 46 -22.39 0.99 1.23
CA ASN C 46 -23.52 1.14 2.13
C ASN C 46 -24.80 1.38 1.32
N ASN C 47 -24.61 1.66 0.03
CA ASN C 47 -25.75 1.96 -0.81
C ASN C 47 -26.40 0.66 -1.26
N GLN C 48 -27.73 0.59 -1.14
CA GLN C 48 -28.44 -0.64 -1.44
C GLN C 48 -28.62 -0.91 -2.93
N LYS C 49 -28.86 0.13 -3.73
CA LYS C 49 -29.00 -0.04 -5.18
C LYS C 49 -27.72 -0.54 -5.88
N LYS C 50 -26.59 0.12 -5.60
CA LYS C 50 -25.29 -0.31 -6.11
C LYS C 50 -25.18 -1.82 -5.86
N PHE C 51 -25.46 -2.14 -4.60
CA PHE C 51 -25.49 -3.52 -4.10
C PHE C 51 -26.42 -4.38 -4.93
N LYS C 52 -27.57 -3.83 -5.30
CA LYS C 52 -28.55 -4.52 -6.13
C LYS C 52 -27.97 -4.91 -7.47
N VAL C 53 -27.29 -3.96 -8.10
CA VAL C 53 -26.65 -4.20 -9.39
C VAL C 53 -25.64 -5.34 -9.30
N ILE C 54 -24.68 -5.16 -8.39
CA ILE C 54 -23.59 -6.12 -8.25
C ILE C 54 -24.10 -7.50 -7.84
N ARG C 55 -24.97 -7.53 -6.85
CA ARG C 55 -25.55 -8.78 -6.38
C ARG C 55 -26.25 -9.52 -7.51
N ASP C 56 -27.16 -8.82 -8.19
CA ASP C 56 -27.96 -9.45 -9.23
C ASP C 56 -27.08 -9.99 -10.33
N ILE C 57 -25.98 -9.30 -10.62
CA ILE C 57 -25.03 -9.87 -11.57
C ILE C 57 -24.43 -11.15 -10.99
N MET C 58 -23.95 -11.10 -9.75
CA MET C 58 -23.26 -12.23 -9.11
C MET C 58 -24.10 -13.50 -8.91
N LEU C 59 -25.42 -13.39 -8.74
CA LEU C 59 -26.24 -14.60 -8.60
C LEU C 59 -26.28 -15.42 -9.89
N ARG C 60 -25.97 -14.79 -11.00
CA ARG C 60 -25.96 -15.47 -12.28
C ARG C 60 -24.62 -16.18 -12.46
N VAL C 61 -23.66 -15.88 -11.59
CA VAL C 61 -22.34 -16.52 -11.63
C VAL C 61 -22.04 -17.57 -10.53
N CYS C 62 -22.62 -17.44 -9.34
CA CYS C 62 -22.31 -18.32 -8.20
C CYS C 62 -23.51 -18.60 -7.29
N ASN C 63 -23.38 -19.54 -6.36
CA ASN C 63 -24.49 -19.77 -5.44
C ASN C 63 -24.06 -19.38 -4.04
N ALA C 64 -23.77 -18.08 -3.90
CA ALA C 64 -23.20 -17.52 -2.70
C ALA C 64 -24.23 -16.77 -1.86
N GLU C 65 -23.94 -16.64 -0.57
CA GLU C 65 -24.59 -15.66 0.30
C GLU C 65 -23.99 -14.30 0.00
N ILE C 66 -24.79 -13.35 -0.49
CA ILE C 66 -24.23 -12.05 -0.86
C ILE C 66 -24.78 -10.91 -0.01
N LYS C 67 -23.89 -10.23 0.72
CA LYS C 67 -24.30 -9.15 1.62
C LYS C 67 -23.59 -7.83 1.33
N MET C 68 -24.15 -6.74 1.86
CA MET C 68 -23.54 -5.43 1.69
C MET C 68 -22.96 -4.98 3.04
N LEU C 69 -22.45 -3.77 3.10
CA LEU C 69 -21.83 -3.28 4.33
C LEU C 69 -22.77 -2.44 5.18
N ASP C 70 -22.54 -2.48 6.49
CA ASP C 70 -23.33 -1.71 7.44
C ASP C 70 -22.90 -0.25 7.40
N ILE C 71 -21.59 -0.06 7.40
CA ILE C 71 -20.95 1.26 7.38
C ILE C 71 -20.84 1.86 5.97
N ASP C 72 -20.58 3.17 5.92
CA ASP C 72 -20.45 3.87 4.65
C ASP C 72 -18.97 3.94 4.27
N THR C 73 -18.67 3.64 3.01
CA THR C 73 -17.29 3.62 2.52
C THR C 73 -16.95 4.83 1.66
N ARG C 74 -17.47 5.99 2.03
CA ARG C 74 -17.09 7.24 1.40
C ARG C 74 -15.79 7.73 2.03
N PHE C 75 -15.54 7.17 3.19
CA PHE C 75 -14.39 7.45 4.05
C PHE C 75 -13.04 7.13 3.38
N ALA C 76 -13.08 6.36 2.31
CA ALA C 76 -11.87 5.93 1.60
C ALA C 76 -11.43 6.90 0.50
N ASP C 77 -12.26 7.91 0.23
CA ASP C 77 -12.00 8.83 -0.87
C ASP C 77 -10.84 9.81 -0.64
N LEU C 78 -10.18 9.71 0.51
CA LEU C 78 -8.98 10.51 0.78
C LEU C 78 -7.71 9.69 0.69
N THR C 79 -7.86 8.40 0.37
CA THR C 79 -6.68 7.55 0.24
C THR C 79 -6.23 7.55 -1.22
N ARG C 80 -5.05 7.01 -1.46
CA ARG C 80 -4.43 7.07 -2.78
C ARG C 80 -5.19 6.24 -3.80
N MET C 81 -5.71 5.09 -3.38
CA MET C 81 -6.51 4.24 -4.26
C MET C 81 -7.79 3.81 -3.56
N PRO C 82 -8.83 4.66 -3.62
CA PRO C 82 -10.11 4.53 -2.92
C PRO C 82 -10.80 3.17 -3.07
N ALA C 83 -10.83 2.62 -4.28
CA ALA C 83 -11.51 1.35 -4.51
C ALA C 83 -10.90 0.22 -3.68
N LEU C 84 -9.58 0.10 -3.79
CA LEU C 84 -8.83 -0.91 -3.05
C LEU C 84 -9.05 -0.74 -1.56
N THR C 85 -9.02 0.51 -1.11
CA THR C 85 -9.21 0.82 0.29
C THR C 85 -10.59 0.38 0.77
N LYS C 86 -11.60 0.60 -0.07
CA LYS C 86 -12.97 0.16 0.23
C LYS C 86 -12.99 -1.36 0.40
N GLY C 87 -12.39 -2.05 -0.56
CA GLY C 87 -12.27 -3.50 -0.49
C GLY C 87 -11.62 -3.98 0.80
N LEU C 88 -10.58 -3.28 1.23
CA LEU C 88 -9.84 -3.66 2.42
C LEU C 88 -10.60 -3.33 3.71
N ILE C 89 -11.41 -2.27 3.69
CA ILE C 89 -12.28 -1.94 4.81
C ILE C 89 -13.31 -3.05 4.99
N ALA C 90 -13.96 -3.41 3.89
CA ALA C 90 -14.93 -4.49 3.90
C ALA C 90 -14.28 -5.77 4.41
N LEU C 91 -13.09 -6.05 3.90
CA LEU C 91 -12.31 -7.20 4.34
C LEU C 91 -12.05 -7.15 5.84
N ASP C 92 -11.83 -5.94 6.35
CA ASP C 92 -11.51 -5.73 7.76
C ASP C 92 -12.71 -5.97 8.66
N ILE C 93 -13.92 -5.65 8.17
CA ILE C 93 -15.10 -5.77 9.02
C ILE C 93 -16.01 -6.95 8.62
N GLU C 94 -15.64 -7.65 7.55
CA GLU C 94 -16.45 -8.76 7.08
C GLU C 94 -15.61 -9.96 6.63
N LYS C 95 -16.09 -11.15 6.93
CA LYS C 95 -15.44 -12.39 6.48
C LYS C 95 -16.17 -12.88 5.25
N ALA C 96 -15.44 -13.15 4.18
CA ALA C 96 -16.03 -13.59 2.92
C ALA C 96 -14.97 -14.24 2.05
N ASP C 97 -15.41 -14.88 0.96
CA ASP C 97 -14.47 -15.46 0.02
C ASP C 97 -14.28 -14.51 -1.15
N LEU C 98 -15.19 -13.55 -1.28
CA LEU C 98 -15.05 -12.50 -2.27
C LEU C 98 -15.52 -11.15 -1.72
N TYR C 99 -14.78 -10.11 -2.08
CA TYR C 99 -15.14 -8.74 -1.73
C TYR C 99 -15.15 -7.90 -2.99
N ILE C 100 -16.26 -7.23 -3.26
CA ILE C 100 -16.35 -6.42 -4.46
C ILE C 100 -16.43 -4.95 -4.09
N ALA C 101 -15.50 -4.16 -4.62
CA ALA C 101 -15.44 -2.74 -4.26
C ALA C 101 -15.44 -1.88 -5.51
N ARG C 102 -15.99 -0.69 -5.39
CA ARG C 102 -16.04 0.24 -6.51
C ARG C 102 -15.83 1.67 -6.03
N GLY C 103 -14.91 2.38 -6.66
CA GLY C 103 -14.62 3.74 -6.26
C GLY C 103 -13.78 4.47 -7.28
N ARG C 104 -13.18 5.59 -6.88
CA ARG C 104 -12.27 6.31 -7.76
C ARG C 104 -10.97 5.52 -7.89
N LEU C 105 -10.39 5.52 -9.09
CA LEU C 105 -9.15 4.80 -9.33
C LEU C 105 -8.01 5.33 -8.47
N GLY C 106 -7.67 6.60 -8.65
CA GLY C 106 -6.57 7.21 -7.92
C GLY C 106 -6.84 8.64 -7.52
N ALA C 107 -6.11 9.57 -8.14
CA ALA C 107 -6.30 11.00 -7.89
C ALA C 107 -7.66 11.45 -8.39
N PRO C 108 -8.19 12.54 -7.84
CA PRO C 108 -9.41 13.15 -8.36
C PRO C 108 -9.32 13.42 -9.86
N GLY C 109 -10.27 12.90 -10.63
CA GLY C 109 -10.26 13.06 -12.08
C GLY C 109 -9.80 11.82 -12.82
N SER C 110 -9.42 10.78 -12.07
CA SER C 110 -8.80 9.59 -12.65
C SER C 110 -9.77 8.50 -13.07
N GLY C 111 -11.07 8.76 -12.97
CA GLY C 111 -12.07 7.78 -13.36
C GLY C 111 -12.33 6.74 -12.29
N SER C 112 -13.02 5.66 -12.65
CA SER C 112 -13.47 4.70 -11.65
C SER C 112 -12.85 3.32 -11.82
N MET C 113 -12.85 2.58 -10.72
CA MET C 113 -12.36 1.22 -10.67
C MET C 113 -13.33 0.31 -9.89
N LEU C 114 -13.61 -0.85 -10.47
CA LEU C 114 -14.26 -1.93 -9.74
C LEU C 114 -13.23 -3.04 -9.57
N VAL C 115 -13.11 -3.55 -8.36
CA VAL C 115 -12.12 -4.57 -8.05
C VAL C 115 -12.73 -5.72 -7.26
N ILE C 116 -12.24 -6.92 -7.51
CA ILE C 116 -12.67 -8.11 -6.78
C ILE C 116 -11.49 -8.72 -6.01
N LEU C 117 -11.65 -8.82 -4.70
CA LEU C 117 -10.61 -9.34 -3.80
C LEU C 117 -11.04 -10.68 -3.21
N ASP C 118 -10.09 -11.52 -2.84
CA ASP C 118 -10.41 -12.79 -2.19
C ASP C 118 -10.44 -12.62 -0.67
N GLU C 119 -10.53 -13.74 0.04
CA GLU C 119 -10.64 -13.75 1.49
C GLU C 119 -9.48 -13.06 2.20
N LYS C 120 -8.33 -13.02 1.54
CA LYS C 120 -7.11 -12.50 2.15
C LYS C 120 -6.58 -11.25 1.46
N GLY C 121 -7.48 -10.58 0.72
CA GLY C 121 -7.17 -9.30 0.12
C GLY C 121 -6.39 -9.35 -1.18
N ARG C 122 -6.27 -10.54 -1.78
CA ARG C 122 -5.58 -10.65 -3.05
C ARG C 122 -6.47 -10.15 -4.18
N VAL C 123 -5.89 -9.41 -5.13
CA VAL C 123 -6.64 -8.90 -6.27
C VAL C 123 -6.79 -9.96 -7.35
N LEU C 124 -8.03 -10.40 -7.55
CA LEU C 124 -8.31 -11.45 -8.54
C LEU C 124 -8.61 -10.89 -9.92
N THR C 125 -9.39 -9.82 -9.97
CA THR C 125 -9.74 -9.18 -11.23
C THR C 125 -10.28 -7.77 -11.00
N ALA C 126 -10.29 -6.98 -12.07
CA ALA C 126 -10.71 -5.59 -11.97
C ALA C 126 -11.11 -5.03 -13.33
N SER C 127 -11.81 -3.90 -13.32
CA SER C 127 -12.16 -3.20 -14.54
C SER C 127 -12.29 -1.71 -14.28
N LEU C 128 -12.07 -0.91 -15.32
CA LEU C 128 -12.00 0.54 -15.17
C LEU C 128 -13.02 1.26 -16.04
N SER C 129 -13.45 2.43 -15.59
CA SER C 129 -14.27 3.31 -16.41
C SER C 129 -13.66 4.69 -16.47
N PRO C 130 -13.86 5.39 -17.61
CA PRO C 130 -13.38 6.76 -17.78
C PRO C 130 -13.95 7.69 -16.72
N SER C 131 -13.36 8.88 -16.59
CA SER C 131 -13.88 9.89 -15.67
C SER C 131 -15.34 10.17 -15.98
N SER C 132 -16.16 10.32 -14.94
CA SER C 132 -17.58 10.61 -15.12
C SER C 132 -17.79 11.94 -15.84
N VAL C 133 -16.76 12.78 -15.84
CA VAL C 133 -16.76 14.03 -16.57
C VAL C 133 -16.92 13.74 -18.08
N ILE C 134 -16.28 12.67 -18.52
CA ILE C 134 -16.23 12.29 -19.94
C ILE C 134 -17.38 11.42 -20.46
N HIS C 135 -17.74 10.38 -19.70
CA HIS C 135 -18.77 9.45 -20.16
C HIS C 135 -20.17 9.86 -19.72
N LYS C 136 -20.25 10.73 -18.72
CA LYS C 136 -21.50 11.25 -18.17
C LYS C 136 -22.64 10.23 -18.19
N GLU C 137 -22.40 9.08 -17.57
CA GLU C 137 -23.39 8.02 -17.47
C GLU C 137 -23.73 7.84 -15.98
N ASP C 138 -24.80 7.11 -15.67
CA ASP C 138 -25.18 6.92 -14.28
C ASP C 138 -24.39 5.73 -13.73
N ILE C 139 -24.26 5.69 -12.41
CA ILE C 139 -23.29 4.83 -11.75
C ILE C 139 -23.75 3.35 -11.79
N GLU C 140 -25.06 3.11 -11.87
CA GLU C 140 -25.58 1.74 -11.84
C GLU C 140 -25.20 0.96 -13.11
N GLU C 141 -25.22 1.68 -14.23
CA GLU C 141 -24.90 1.09 -15.55
C GLU C 141 -23.40 0.91 -15.67
N ARG C 142 -22.66 1.88 -15.15
CA ARG C 142 -21.22 1.83 -15.19
C ARG C 142 -20.68 0.73 -14.29
N ILE C 143 -21.36 0.50 -13.16
CA ILE C 143 -21.04 -0.61 -12.29
C ILE C 143 -21.34 -1.94 -12.97
N LYS C 144 -22.45 -1.98 -13.70
CA LYS C 144 -22.82 -3.20 -14.42
C LYS C 144 -21.80 -3.58 -15.50
N LYS C 145 -21.40 -2.56 -16.27
CA LYS C 145 -20.39 -2.71 -17.31
C LYS C 145 -19.05 -3.10 -16.72
N GLU C 146 -18.68 -2.45 -15.62
CA GLU C 146 -17.43 -2.75 -14.94
C GLU C 146 -17.37 -4.18 -14.43
N LEU C 147 -18.42 -4.62 -13.74
CA LEU C 147 -18.44 -5.97 -13.17
C LEU C 147 -18.44 -7.03 -14.26
N ILE C 148 -19.24 -6.81 -15.31
CA ILE C 148 -19.28 -7.78 -16.40
C ILE C 148 -17.93 -7.85 -17.13
N GLU C 149 -17.30 -6.70 -17.33
CA GLU C 149 -15.98 -6.64 -17.95
C GLU C 149 -14.94 -7.36 -17.08
N ALA C 150 -15.04 -7.15 -15.77
CA ALA C 150 -14.14 -7.76 -14.80
C ALA C 150 -14.26 -9.28 -14.81
N LEU C 151 -15.49 -9.77 -14.99
CA LEU C 151 -15.73 -11.20 -15.06
C LEU C 151 -15.23 -11.76 -16.40
N SER C 152 -15.43 -11.01 -17.47
CA SER C 152 -15.04 -11.45 -18.80
C SER C 152 -13.52 -11.56 -18.90
N ARG C 153 -12.81 -10.64 -18.24
CA ARG C 153 -11.35 -10.62 -18.32
C ARG C 153 -10.67 -11.88 -17.77
N ILE C 154 -11.39 -12.64 -16.96
CA ILE C 154 -10.85 -13.88 -16.42
C ILE C 154 -11.58 -15.11 -16.92
N GLY C 155 -12.36 -14.94 -17.98
CA GLY C 155 -12.97 -16.06 -18.67
C GLY C 155 -14.31 -16.47 -18.09
N ILE C 156 -14.89 -15.61 -17.26
CA ILE C 156 -16.21 -15.91 -16.70
C ILE C 156 -17.26 -15.03 -17.37
N SER C 157 -18.07 -15.65 -18.22
CA SER C 157 -19.22 -14.99 -18.83
C SER C 157 -20.46 -15.46 -18.09
N ILE C 158 -21.39 -14.54 -17.83
CA ILE C 158 -22.59 -14.87 -17.08
C ILE C 158 -23.50 -15.88 -17.80
N LEU C 159 -23.20 -16.14 -19.07
CA LEU C 159 -24.02 -17.06 -19.87
C LEU C 159 -23.74 -18.51 -19.48
N VAL D 3 -2.28 24.69 -9.30
CA VAL D 3 -1.50 23.56 -8.80
C VAL D 3 -2.42 22.37 -8.52
N MET D 4 -1.92 21.15 -8.74
CA MET D 4 -2.69 19.94 -8.47
C MET D 4 -3.07 19.78 -6.99
N GLU D 5 -2.16 20.13 -6.08
CA GLU D 5 -2.44 19.99 -4.64
C GLU D 5 -3.62 20.80 -4.11
N GLU D 6 -3.81 22.04 -4.59
CA GLU D 6 -5.01 22.79 -4.20
C GLU D 6 -6.29 22.13 -4.66
N ILE D 7 -6.30 21.69 -5.91
CA ILE D 7 -7.46 21.04 -6.49
C ILE D 7 -7.81 19.76 -5.73
N ILE D 8 -6.80 18.95 -5.46
CA ILE D 8 -6.97 17.73 -4.70
C ILE D 8 -7.44 18.07 -3.28
N LYS D 9 -6.92 19.16 -2.74
CA LYS D 9 -7.33 19.65 -1.43
C LYS D 9 -8.82 19.97 -1.42
N LYS D 10 -9.28 20.66 -2.45
CA LYS D 10 -10.69 20.97 -2.61
C LYS D 10 -11.50 19.68 -2.66
N ALA D 11 -11.03 18.71 -3.43
CA ALA D 11 -11.71 17.43 -3.55
C ALA D 11 -11.85 16.74 -2.19
N PHE D 12 -10.74 16.70 -1.44
CA PHE D 12 -10.73 16.06 -0.13
C PHE D 12 -11.65 16.78 0.84
N ILE D 13 -11.67 18.11 0.76
CA ILE D 13 -12.57 18.92 1.57
C ILE D 13 -14.02 18.57 1.26
N GLU D 14 -14.32 18.44 -0.04
CA GLU D 14 -15.65 18.04 -0.48
C GLU D 14 -16.03 16.68 0.10
N SER D 15 -15.08 15.77 0.15
CA SER D 15 -15.33 14.46 0.72
C SER D 15 -15.57 14.53 2.23
N ILE D 16 -14.78 15.35 2.92
CA ILE D 16 -14.88 15.51 4.37
C ILE D 16 -16.25 16.03 4.77
N ASN D 17 -16.73 17.03 4.05
CA ASN D 17 -18.00 17.66 4.35
C ASN D 17 -19.18 16.87 3.75
N ASN D 18 -18.85 15.71 3.17
CA ASN D 18 -19.84 14.82 2.58
C ASN D 18 -20.64 15.46 1.44
N ILE D 19 -19.96 16.24 0.61
CA ILE D 19 -20.58 16.87 -0.56
C ILE D 19 -19.85 16.40 -1.83
N ARG D 20 -18.97 15.41 -1.67
CA ARG D 20 -18.24 14.87 -2.81
C ARG D 20 -19.16 13.99 -3.64
N ARG D 21 -19.13 14.19 -4.95
CA ARG D 21 -19.98 13.43 -5.85
C ARG D 21 -19.15 12.55 -6.76
N GLY D 22 -18.60 13.17 -7.79
CA GLY D 22 -17.75 12.50 -8.75
C GLY D 22 -16.60 13.39 -9.14
N ASP D 23 -15.92 13.05 -10.23
CA ASP D 23 -14.78 13.84 -10.69
C ASP D 23 -15.21 15.24 -11.11
N LYS D 24 -14.31 16.19 -10.92
CA LYS D 24 -14.58 17.58 -11.26
C LYS D 24 -13.71 18.01 -12.43
N GLU D 25 -14.17 19.02 -13.14
CA GLU D 25 -13.61 19.42 -14.42
C GLU D 25 -12.14 19.84 -14.42
N GLU D 26 -11.70 20.60 -13.42
CA GLU D 26 -10.29 20.99 -13.41
C GLU D 26 -9.42 19.83 -12.87
N GLU D 27 -10.03 18.85 -12.21
CA GLU D 27 -9.27 17.68 -11.78
C GLU D 27 -8.83 16.91 -13.03
N LEU D 28 -9.81 16.59 -13.87
CA LEU D 28 -9.54 15.92 -15.14
C LEU D 28 -8.64 16.76 -16.03
N LYS D 29 -8.91 18.07 -16.06
CA LYS D 29 -8.16 18.97 -16.91
C LYS D 29 -6.72 19.10 -16.44
N LYS D 30 -6.52 18.95 -15.14
CA LYS D 30 -5.18 18.94 -14.56
C LYS D 30 -4.43 17.66 -14.86
N ILE D 31 -5.13 16.53 -14.83
CA ILE D 31 -4.50 15.27 -15.24
C ILE D 31 -4.05 15.38 -16.70
N GLN D 32 -4.96 15.84 -17.55
CA GLN D 32 -4.65 16.07 -18.97
C GLN D 32 -3.46 17.02 -19.13
N GLU D 33 -3.49 18.13 -18.39
CA GLU D 33 -2.39 19.09 -18.37
C GLU D 33 -1.09 18.42 -17.99
N LYS D 34 -1.20 17.48 -17.06
CA LYS D 34 -0.05 16.76 -16.55
C LYS D 34 0.57 15.84 -17.58
N ILE D 35 -0.25 15.17 -18.37
CA ILE D 35 0.28 14.28 -19.39
C ILE D 35 0.80 15.04 -20.62
N VAL D 36 -0.02 15.96 -21.14
CA VAL D 36 0.35 16.69 -22.35
C VAL D 36 1.59 17.57 -22.18
N ASN D 37 1.71 18.23 -21.03
CA ASN D 37 2.81 19.15 -20.78
C ASN D 37 4.01 18.52 -20.08
N ALA D 38 4.06 17.20 -20.05
CA ALA D 38 5.18 16.47 -19.44
C ALA D 38 6.50 16.77 -20.15
N LYS D 39 7.58 16.87 -19.38
CA LYS D 39 8.89 17.18 -19.93
C LYS D 39 9.86 16.01 -19.85
N LYS D 40 9.62 15.11 -18.90
CA LYS D 40 10.43 13.89 -18.82
C LYS D 40 9.58 12.71 -18.41
N ILE D 41 9.66 11.63 -19.17
CA ILE D 41 8.89 10.42 -18.86
C ILE D 41 9.83 9.22 -18.78
N VAL D 42 9.69 8.42 -17.73
CA VAL D 42 10.49 7.22 -17.57
C VAL D 42 9.60 5.98 -17.70
N VAL D 43 9.97 5.07 -18.58
CA VAL D 43 9.20 3.85 -18.78
C VAL D 43 9.80 2.62 -18.10
N ALA D 44 9.01 2.02 -17.22
CA ALA D 44 9.42 0.88 -16.41
C ALA D 44 9.12 -0.42 -17.15
N THR D 45 9.93 -0.76 -18.15
CA THR D 45 9.68 -1.97 -18.93
C THR D 45 10.99 -2.66 -19.32
N ASN D 46 10.86 -3.91 -19.76
CA ASN D 46 12.02 -4.73 -20.09
C ASN D 46 12.37 -4.83 -21.57
N ASN D 47 11.38 -5.00 -22.43
CA ASN D 47 11.65 -5.16 -23.85
C ASN D 47 11.85 -3.81 -24.52
N GLN D 48 12.82 -3.75 -25.44
CA GLN D 48 13.11 -2.51 -26.14
C GLN D 48 11.95 -2.21 -27.06
N LYS D 49 11.32 -3.26 -27.59
CA LYS D 49 10.15 -3.11 -28.46
C LYS D 49 9.02 -2.40 -27.73
N LYS D 50 8.63 -2.95 -26.58
CA LYS D 50 7.59 -2.39 -25.71
C LYS D 50 7.84 -0.91 -25.46
N PHE D 51 9.05 -0.63 -24.99
CA PHE D 51 9.48 0.72 -24.70
C PHE D 51 9.33 1.63 -25.90
N LYS D 52 9.72 1.11 -27.05
CA LYS D 52 9.65 1.88 -28.28
C LYS D 52 8.21 2.22 -28.62
N VAL D 53 7.32 1.25 -28.48
CA VAL D 53 5.89 1.45 -28.70
C VAL D 53 5.32 2.56 -27.82
N ILE D 54 5.57 2.43 -26.52
CA ILE D 54 5.05 3.38 -25.54
C ILE D 54 5.60 4.77 -25.82
N ARG D 55 6.91 4.82 -26.08
CA ARG D 55 7.58 6.08 -26.36
C ARG D 55 6.90 6.72 -27.57
N ASP D 56 6.66 5.93 -28.62
CA ASP D 56 6.08 6.46 -29.85
C ASP D 56 4.69 7.06 -29.63
N ILE D 57 3.88 6.39 -28.82
CA ILE D 57 2.55 6.91 -28.49
C ILE D 57 2.66 8.23 -27.71
N MET D 58 3.48 8.22 -26.66
CA MET D 58 3.62 9.42 -25.84
C MET D 58 4.19 10.57 -26.67
N LEU D 59 5.00 10.23 -27.66
CA LEU D 59 5.55 11.21 -28.59
C LEU D 59 4.45 11.72 -29.49
N ARG D 60 3.39 10.93 -29.65
CA ARG D 60 2.27 11.44 -30.43
C ARG D 60 1.34 12.27 -29.55
N VAL D 61 1.50 12.19 -28.23
CA VAL D 61 0.68 13.03 -27.37
C VAL D 61 1.44 14.22 -26.76
N CYS D 62 2.75 14.06 -26.54
CA CYS D 62 3.57 15.12 -25.97
C CYS D 62 4.99 15.09 -26.53
N ASN D 63 5.77 16.13 -26.25
CA ASN D 63 7.14 16.20 -26.76
C ASN D 63 8.12 16.16 -25.57
N ALA D 64 8.12 15.07 -24.82
CA ALA D 64 8.94 14.98 -23.62
C ALA D 64 10.20 14.15 -23.91
N GLU D 65 11.23 14.34 -23.11
CA GLU D 65 12.35 13.41 -23.12
C GLU D 65 11.93 12.11 -22.43
N ILE D 66 11.97 11.02 -23.18
CA ILE D 66 11.51 9.74 -22.67
C ILE D 66 12.64 8.73 -22.59
N LYS D 67 12.87 8.23 -21.38
CA LYS D 67 13.97 7.32 -21.11
C LYS D 67 13.38 6.02 -20.59
N MET D 68 14.13 4.92 -20.64
CA MET D 68 13.61 3.66 -20.15
C MET D 68 14.28 3.33 -18.84
N LEU D 69 13.93 2.19 -18.27
CA LEU D 69 14.45 1.80 -16.96
C LEU D 69 14.13 0.37 -16.57
N ASP D 70 14.77 -0.59 -17.22
CA ASP D 70 14.48 -1.97 -16.86
C ASP D 70 15.31 -2.41 -15.64
N ILE D 71 16.64 -2.29 -15.73
CA ILE D 71 17.64 -2.75 -14.73
C ILE D 71 17.10 -4.09 -14.12
N ASP D 72 16.41 -4.82 -15.01
CA ASP D 72 15.66 -6.06 -14.75
C ASP D 72 15.23 -6.25 -13.31
N THR D 73 14.07 -5.70 -13.02
CA THR D 73 13.46 -5.75 -11.70
C THR D 73 12.39 -6.83 -11.76
N ARG D 74 12.81 -8.01 -11.37
CA ARG D 74 12.00 -9.20 -11.21
C ARG D 74 11.28 -9.16 -9.89
N PHE D 75 11.76 -8.25 -9.07
CA PHE D 75 11.36 -8.04 -7.68
C PHE D 75 9.87 -7.79 -7.48
N ALA D 76 9.29 -6.93 -8.32
CA ALA D 76 7.89 -6.53 -8.14
C ALA D 76 6.91 -7.68 -8.36
N ASP D 77 7.40 -8.78 -8.91
CA ASP D 77 6.54 -9.93 -9.18
C ASP D 77 6.28 -10.73 -7.90
N LEU D 78 6.85 -10.31 -6.78
CA LEU D 78 6.50 -10.98 -5.52
C LEU D 78 5.60 -10.13 -4.64
N THR D 79 5.28 -8.93 -5.09
CA THR D 79 4.39 -8.05 -4.35
C THR D 79 2.93 -8.20 -4.79
N ARG D 80 2.02 -7.60 -4.04
CA ARG D 80 0.58 -7.78 -4.27
C ARG D 80 0.09 -7.18 -5.58
N MET D 81 0.64 -6.04 -5.97
CA MET D 81 0.29 -5.40 -7.23
C MET D 81 1.54 -5.00 -7.99
N PRO D 82 2.11 -5.94 -8.76
CA PRO D 82 3.40 -5.82 -9.46
C PRO D 82 3.56 -4.55 -10.30
N ALA D 83 2.55 -4.17 -11.06
CA ALA D 83 2.63 -3.00 -11.92
C ALA D 83 2.90 -1.73 -11.10
N LEU D 84 2.09 -1.51 -10.07
CA LEU D 84 2.24 -0.38 -9.19
C LEU D 84 3.61 -0.37 -8.52
N THR D 85 4.06 -1.53 -8.09
CA THR D 85 5.37 -1.66 -7.45
C THR D 85 6.47 -1.24 -8.41
N LYS D 86 6.34 -1.64 -9.68
CA LYS D 86 7.30 -1.26 -10.71
C LYS D 86 7.33 0.26 -10.86
N GLY D 87 6.14 0.86 -10.98
CA GLY D 87 6.02 2.30 -11.04
C GLY D 87 6.68 3.02 -9.87
N LEU D 88 6.50 2.49 -8.68
CA LEU D 88 7.03 3.11 -7.47
C LEU D 88 8.54 2.93 -7.34
N ILE D 89 9.07 1.83 -7.83
CA ILE D 89 10.51 1.62 -7.88
C ILE D 89 11.15 2.64 -8.81
N ALA D 90 10.56 2.76 -10.00
CA ALA D 90 11.02 3.73 -10.99
C ALA D 90 10.97 5.13 -10.38
N LEU D 91 9.88 5.41 -9.68
CA LEU D 91 9.72 6.67 -8.96
C LEU D 91 10.83 6.87 -7.92
N ASP D 92 11.25 5.78 -7.30
CA ASP D 92 12.26 5.82 -6.25
C ASP D 92 13.66 6.13 -6.77
N ILE D 93 13.99 5.63 -7.96
CA ILE D 93 15.36 5.77 -8.46
C ILE D 93 15.60 6.73 -9.63
N GLU D 94 14.55 7.37 -10.14
CA GLU D 94 14.69 8.24 -11.31
C GLU D 94 13.90 9.55 -11.18
N LYS D 95 14.43 10.62 -11.74
CA LYS D 95 13.75 11.91 -11.68
C LYS D 95 12.91 12.09 -12.94
N ALA D 96 11.61 12.32 -12.76
CA ALA D 96 10.69 12.47 -13.87
C ALA D 96 9.38 13.12 -13.44
N ASP D 97 8.58 13.52 -14.42
CA ASP D 97 7.26 14.07 -14.17
C ASP D 97 6.15 13.05 -14.42
N LEU D 98 6.49 12.00 -15.16
CA LEU D 98 5.57 10.89 -15.38
C LEU D 98 6.32 9.56 -15.37
N TYR D 99 5.68 8.54 -14.79
CA TYR D 99 6.24 7.20 -14.78
C TYR D 99 5.23 6.22 -15.36
N ILE D 100 5.66 5.45 -16.35
CA ILE D 100 4.76 4.49 -17.00
C ILE D 100 5.22 3.08 -16.69
N ALA D 101 4.32 2.30 -16.11
CA ALA D 101 4.67 0.94 -15.69
C ALA D 101 3.67 -0.07 -16.26
N ARG D 102 4.15 -1.27 -16.50
CA ARG D 102 3.29 -2.34 -17.00
C ARG D 102 3.69 -3.65 -16.35
N GLY D 103 2.72 -4.36 -15.80
CA GLY D 103 3.01 -5.62 -15.13
C GLY D 103 1.76 -6.41 -14.85
N ARG D 104 1.87 -7.40 -13.98
CA ARG D 104 0.70 -8.19 -13.58
C ARG D 104 -0.19 -7.35 -12.68
N LEU D 105 -1.51 -7.50 -12.85
CA LEU D 105 -2.47 -6.74 -12.06
C LEU D 105 -2.33 -7.02 -10.58
N GLY D 106 -2.57 -8.27 -10.19
CA GLY D 106 -2.52 -8.67 -8.79
C GLY D 106 -1.93 -10.05 -8.61
N ALA D 107 -2.77 -11.00 -8.19
CA ALA D 107 -2.36 -12.38 -8.04
C ALA D 107 -2.04 -13.00 -9.39
N PRO D 108 -1.18 -14.03 -9.41
CA PRO D 108 -0.93 -14.78 -10.64
C PRO D 108 -2.22 -15.27 -11.32
N GLY D 109 -2.39 -14.92 -12.59
CA GLY D 109 -3.59 -15.30 -13.32
C GLY D 109 -4.59 -14.16 -13.49
N SER D 110 -4.26 -13.00 -12.92
CA SER D 110 -5.21 -11.89 -12.86
C SER D 110 -5.14 -10.95 -14.05
N GLY D 111 -4.33 -11.29 -15.05
CA GLY D 111 -4.18 -10.45 -16.22
C GLY D 111 -3.19 -9.32 -15.99
N SER D 112 -3.19 -8.34 -16.89
CA SER D 112 -2.16 -7.30 -16.84
C SER D 112 -2.74 -5.91 -16.57
N MET D 113 -1.87 -5.05 -16.06
CA MET D 113 -2.20 -3.64 -15.81
C MET D 113 -1.07 -2.72 -16.29
N LEU D 114 -1.47 -1.65 -16.97
CA LEU D 114 -0.58 -0.54 -17.27
C LEU D 114 -1.03 0.66 -16.44
N VAL D 115 -0.08 1.34 -15.79
CA VAL D 115 -0.40 2.46 -14.92
C VAL D 115 0.51 3.66 -15.17
N ILE D 116 -0.04 4.86 -15.02
CA ILE D 116 0.73 6.10 -15.15
C ILE D 116 0.73 6.89 -13.83
N LEU D 117 1.91 7.15 -13.29
CA LEU D 117 2.06 7.86 -12.03
C LEU D 117 2.71 9.23 -12.20
N ASP D 118 2.40 10.17 -11.30
CA ASP D 118 3.05 11.47 -11.34
C ASP D 118 4.29 11.52 -10.45
N GLU D 119 4.86 12.71 -10.27
CA GLU D 119 6.10 12.89 -9.51
C GLU D 119 5.99 12.44 -8.06
N LYS D 120 4.78 12.47 -7.52
CA LYS D 120 4.59 12.17 -6.10
C LYS D 120 3.78 10.89 -5.87
N GLY D 121 3.77 10.03 -6.89
CA GLY D 121 3.19 8.70 -6.75
C GLY D 121 1.68 8.61 -6.88
N ARG D 122 1.05 9.69 -7.35
CA ARG D 122 -0.39 9.67 -7.55
C ARG D 122 -0.76 8.92 -8.82
N VAL D 123 -1.84 8.14 -8.75
CA VAL D 123 -2.34 7.40 -9.90
C VAL D 123 -3.21 8.30 -10.79
N LEU D 124 -2.73 8.58 -11.99
CA LEU D 124 -3.45 9.45 -12.91
C LEU D 124 -4.40 8.69 -13.81
N THR D 125 -3.93 7.55 -14.32
CA THR D 125 -4.75 6.70 -15.18
C THR D 125 -4.14 5.31 -15.32
N ALA D 126 -4.96 4.37 -15.78
CA ALA D 126 -4.54 2.98 -15.91
C ALA D 126 -5.44 2.23 -16.89
N SER D 127 -4.97 1.07 -17.34
CA SER D 127 -5.79 0.23 -18.20
C SER D 127 -5.43 -1.23 -17.99
N LEU D 128 -6.38 -2.12 -18.26
CA LEU D 128 -6.23 -3.53 -17.95
C LEU D 128 -6.37 -4.42 -19.18
N SER D 129 -5.70 -5.55 -19.16
CA SER D 129 -5.92 -6.57 -20.18
C SER D 129 -6.18 -7.91 -19.52
N PRO D 130 -7.02 -8.75 -20.17
CA PRO D 130 -7.31 -10.09 -19.66
C PRO D 130 -6.04 -10.93 -19.53
N SER D 131 -6.13 -12.03 -18.79
CA SER D 131 -5.01 -12.95 -18.63
C SER D 131 -4.52 -13.47 -19.98
N SER D 132 -3.20 -13.57 -20.13
CA SER D 132 -2.60 -14.12 -21.34
C SER D 132 -3.00 -15.58 -21.54
N VAL D 133 -3.48 -16.19 -20.46
CA VAL D 133 -3.99 -17.55 -20.46
C VAL D 133 -5.19 -17.76 -21.40
N ILE D 134 -6.06 -16.75 -21.52
CA ILE D 134 -7.28 -16.91 -22.30
C ILE D 134 -7.07 -16.69 -23.80
N HIS D 135 -6.38 -15.60 -24.14
CA HIS D 135 -6.09 -15.29 -25.54
C HIS D 135 -4.73 -14.66 -25.66
N LYS D 136 -3.94 -15.20 -26.56
CA LYS D 136 -2.61 -14.73 -26.77
C LYS D 136 -2.62 -13.73 -27.92
N GLU D 137 -2.47 -12.46 -27.56
CA GLU D 137 -2.45 -11.37 -28.53
C GLU D 137 -0.98 -11.03 -28.66
N ASP D 138 -0.61 -10.25 -29.67
CA ASP D 138 0.78 -9.93 -29.81
C ASP D 138 0.93 -8.77 -28.85
N ILE D 139 2.14 -8.61 -28.34
CA ILE D 139 2.41 -7.74 -27.23
C ILE D 139 2.44 -6.30 -27.73
N GLU D 140 2.75 -6.13 -29.03
CA GLU D 140 2.90 -4.80 -29.62
C GLU D 140 1.56 -4.08 -29.54
N GLU D 141 0.53 -4.84 -29.89
CA GLU D 141 -0.84 -4.33 -29.87
C GLU D 141 -1.45 -4.30 -28.51
N ARG D 142 -1.18 -5.28 -27.66
CA ARG D 142 -1.83 -5.26 -26.37
C ARG D 142 -1.30 -4.04 -25.60
N ILE D 143 -0.02 -3.76 -25.76
CA ILE D 143 0.53 -2.54 -25.18
C ILE D 143 -0.03 -1.27 -25.85
N LYS D 144 -0.19 -1.29 -27.16
CA LYS D 144 -0.74 -0.09 -27.82
C LYS D 144 -2.19 0.17 -27.37
N LYS D 145 -3.01 -0.88 -27.30
CA LYS D 145 -4.40 -0.80 -26.87
C LYS D 145 -4.51 -0.35 -25.41
N GLU D 146 -3.65 -0.90 -24.55
CA GLU D 146 -3.65 -0.52 -23.15
C GLU D 146 -3.30 0.95 -22.96
N LEU D 147 -2.21 1.39 -23.60
CA LEU D 147 -1.77 2.77 -23.44
C LEU D 147 -2.78 3.75 -24.04
N ILE D 148 -3.32 3.42 -25.21
CA ILE D 148 -4.31 4.27 -25.85
C ILE D 148 -5.58 4.35 -25.01
N GLU D 149 -6.00 3.24 -24.43
CA GLU D 149 -7.17 3.23 -23.54
C GLU D 149 -6.91 4.07 -22.29
N ALA D 150 -5.72 3.94 -21.73
CA ALA D 150 -5.35 4.68 -20.54
C ALA D 150 -5.33 6.19 -20.80
N LEU D 151 -4.89 6.58 -21.99
CA LEU D 151 -4.90 8.00 -22.36
C LEU D 151 -6.31 8.49 -22.67
N SER D 152 -7.08 7.69 -23.39
CA SER D 152 -8.42 8.05 -23.84
C SER D 152 -9.42 8.18 -22.70
N ARG D 153 -9.33 7.27 -21.72
CA ARG D 153 -10.28 7.26 -20.62
C ARG D 153 -10.20 8.52 -19.77
N ILE D 154 -9.11 9.26 -19.89
CA ILE D 154 -8.98 10.54 -19.20
C ILE D 154 -8.98 11.66 -20.24
N GLY D 155 -9.42 11.33 -21.44
CA GLY D 155 -9.68 12.31 -22.48
C GLY D 155 -8.57 12.67 -23.44
N ILE D 156 -7.51 11.86 -23.52
CA ILE D 156 -6.44 12.16 -24.45
C ILE D 156 -6.45 11.21 -25.65
N SER D 157 -6.79 11.74 -26.82
CA SER D 157 -6.75 10.99 -28.07
C SER D 157 -5.51 11.32 -28.90
N ILE D 158 -4.86 10.31 -29.44
CA ILE D 158 -3.64 10.51 -30.23
C ILE D 158 -3.91 11.15 -31.60
N LEU D 159 -5.17 11.17 -32.02
CA LEU D 159 -5.65 11.62 -33.33
C LEU D 159 -4.60 11.74 -34.45
CAA 57O E . 18.47 -4.79 3.25
CAB 57O E . 17.37 -4.52 7.93
OAE 57O E . 19.16 -2.15 3.32
CAM 57O E . 18.19 -2.57 6.76
OAD 57O E . 20.46 -1.97 7.88
OAC 57O E . 19.52 -0.95 9.62
CAI 57O E . 19.47 -1.56 8.53
CAG 57O E . 18.10 -1.81 7.92
NAH 57O E . 18.62 -2.01 5.62
CAL 57O E . 18.71 -2.71 4.48
CAJ 57O E . 18.37 -4.06 4.43
CAN 57O E . 17.92 -4.65 5.60
OAF 57O E . 17.57 -5.96 5.59
CAK 57O E . 17.82 -3.92 6.77
CAA 57O F . -7.79 6.52 16.74
CAB 57O F . -3.30 7.15 18.41
OAE 57O F . -7.77 4.01 17.78
CAM 57O F . -4.47 5.05 18.78
OAD 57O F . -4.74 4.72 21.40
OAC 57O F . -2.52 4.81 21.66
CAI 57O F . -3.56 4.70 20.97
CAG 57O F . -3.37 4.53 19.46
NAH 57O F . -5.57 4.30 18.61
CAL 57O F . -6.65 4.76 17.96
CAJ 57O F . -6.67 6.04 17.42
CAN 57O F . -5.54 6.82 17.58
OAF 57O F . -5.52 8.08 17.07
CAK 57O F . -4.43 6.35 18.26
CAA 57O G . 5.03 -11.29 -14.69
CAB 57O G . 1.81 -9.39 -17.74
OAE 57O G . 3.13 -13.03 -13.84
CAM 57O G . 1.19 -11.23 -16.29
OAD 57O G . 0.61 -13.07 -18.14
OAC 57O G . -1.08 -11.82 -18.88
CAI 57O G . -0.20 -12.12 -18.05
CAG 57O G . -0.10 -11.23 -16.80
NAH 57O G . 1.53 -12.12 -15.33
CAL 57O G . 2.77 -12.15 -14.81
CAJ 57O G . 3.75 -11.26 -15.24
CAN 57O G . 3.41 -10.35 -16.21
OAF 57O G . 4.34 -9.47 -16.66
CAK 57O G . 2.13 -10.32 -16.75
CAA 57O H . -15.71 10.02 -5.15
CAB 57O H . -15.99 6.98 -8.89
OAE 57O H . -14.18 11.67 -6.68
CAM 57O H . -14.74 9.04 -9.08
OAD 57O H . -15.36 8.92 -12.55
OAC 57O H . -16.14 10.26 -10.93
CAI 57O H . -15.39 9.36 -11.38
CAG 57O H . -14.38 8.75 -10.39
NAH 57O H . -14.30 10.19 -8.52
CAL 57O H . -14.61 10.52 -7.26
CAJ 57O H . -15.40 9.69 -6.47
CAN 57O H . -15.84 8.51 -7.04
OAF 57O H . -16.62 7.66 -6.30
CAK 57O H . -15.53 8.17 -8.34
#